data_1WVE
#
_entry.id   1WVE
#
_cell.length_a   73.830
_cell.length_b   118.600
_cell.length_c   136.210
_cell.angle_alpha   90.00
_cell.angle_beta   90.00
_cell.angle_gamma   90.00
#
_symmetry.space_group_name_H-M   'P 21 21 21'
#
loop_
_entity.id
_entity.type
_entity.pdbx_description
1 polymer '4-cresol dehydrogenase [hydroxylating] flavoprotein subunit'
2 polymer '4-cresol dehydrogenase [hydroxylating] cytochrome c subunit'
3 non-polymer 'CHLORIDE ION'
4 non-polymer 'FLAVIN-ADENINE DINUCLEOTIDE'
5 non-polymer 2-AMINO-2-HYDROXYMETHYL-PROPANE-1,3-DIOL
6 non-polymer 'ACETIC ACID'
7 non-polymer 'PROTOPORPHYRIN IX CONTAINING FE'
8 water water
#
loop_
_entity_poly.entity_id
_entity_poly.type
_entity_poly.pdbx_seq_one_letter_code
_entity_poly.pdbx_strand_id
1 'polypeptide(L)'
;SEQNNAVLPKGVTQGEFNKAVQKFRALLGDDNVLVESDQLVPYNKIMMPVENAAHAPSAAVTATTVEQVQGVVKICNEHK
IPIWTISTGRNFGYGSAAPVQRGQVILDLKKMNKIIKIDPEMCYALVEPGVTFGQMYDYIQENNLPVMLSFSAPSAIAGP
VGNTMDRGVGYTPYGEHFMMQCGMEVVLANGDVYRTGMGGVPGSNTWQIFKWGYGPTLDGMFTQANYGICTKMGFWLMPK
PPVFKPFEVIFEDEADIVEIVDALRPLRMSNTIPNSVVIASTLWEAGSAHLTRAQYTTEPGHTPDSVIKQMQKDTGMGAW
NLYAALYGTQEQVDVNWKIVTDVFKKLGKGRIVTQEEAGDTQPFKYRAQLMSGVPNLQEFGLYNWRGGGGSMWFAPVSEA
RGSECKKQAAMAKRVLHKYGLDYVAEFIVAPRDMHHVIDVLYDRTNPEETKRADACFNELLDEFEKEGYAVYRVNTRFQD
RVAQSYGPVKRKLEHAIKRAVDPNNILAPGRSGIDLNNDF
;
A,B
2 'polypeptide(L)' DSQWGSGKNLYDKVCGHCHKPEVGVGPVLEGRGLPEAYIKDIVRNGFRAMPAFPASYVDDESLTQVAEYLSSLPAPAAQP C,D
#
# COMPACT_ATOMS: atom_id res chain seq x y z
N ALA A 6 18.30 3.64 39.32
CA ALA A 6 19.40 4.59 38.95
C ALA A 6 19.64 4.58 37.45
N VAL A 7 18.57 4.48 36.67
CA VAL A 7 18.71 4.46 35.22
C VAL A 7 18.42 5.86 34.66
N LEU A 8 19.32 6.37 33.83
CA LEU A 8 19.14 7.69 33.21
C LEU A 8 19.25 7.56 31.70
N PRO A 9 18.64 8.49 30.95
CA PRO A 9 18.75 8.40 29.50
C PRO A 9 20.21 8.66 29.12
N LYS A 10 20.63 8.05 28.01
CA LYS A 10 21.96 8.21 27.46
C LYS A 10 22.27 9.69 27.25
N GLY A 11 23.39 10.15 27.80
CA GLY A 11 23.79 11.55 27.64
C GLY A 11 22.98 12.59 28.39
N VAL A 12 22.03 12.17 29.21
CA VAL A 12 21.20 13.11 29.97
C VAL A 12 21.61 13.06 31.44
N THR A 13 21.96 14.22 32.01
CA THR A 13 22.37 14.27 33.40
C THR A 13 21.19 14.12 34.34
N GLN A 14 21.48 13.77 35.59
CA GLN A 14 20.43 13.63 36.59
C GLN A 14 19.67 14.95 36.70
N GLY A 15 20.39 16.07 36.59
CA GLY A 15 19.78 17.39 36.70
C GLY A 15 18.78 17.69 35.60
N GLU A 16 19.17 17.39 34.36
CA GLU A 16 18.28 17.62 33.22
C GLU A 16 17.10 16.64 33.25
N PHE A 17 17.35 15.41 33.70
CA PHE A 17 16.29 14.41 33.79
C PHE A 17 15.27 14.88 34.83
N ASN A 18 15.77 15.39 35.97
CA ASN A 18 14.90 15.88 37.03
C ASN A 18 14.00 17.03 36.55
N LYS A 19 14.55 17.94 35.75
CA LYS A 19 13.76 19.04 35.22
C LYS A 19 12.66 18.52 34.32
N ALA A 20 12.99 17.52 33.50
CA ALA A 20 12.02 16.96 32.59
C ALA A 20 10.91 16.26 33.38
N VAL A 21 11.28 15.50 34.40
CA VAL A 21 10.28 14.80 35.20
C VAL A 21 9.34 15.79 35.88
N GLN A 22 9.87 16.89 36.39
CA GLN A 22 9.00 17.87 37.02
C GLN A 22 8.01 18.42 35.99
N LYS A 23 8.48 18.68 34.78
CA LYS A 23 7.61 19.19 33.73
C LYS A 23 6.58 18.13 33.32
N PHE A 24 6.99 16.86 33.28
CA PHE A 24 6.05 15.79 32.92
C PHE A 24 4.96 15.74 33.98
N ARG A 25 5.34 15.93 35.24
CA ARG A 25 4.36 15.93 36.32
C ARG A 25 3.38 17.10 36.21
N ALA A 26 3.90 18.28 35.91
CA ALA A 26 3.07 19.48 35.78
C ALA A 26 2.09 19.30 34.63
N LEU A 27 2.55 18.67 33.56
CA LEU A 27 1.73 18.44 32.38
C LEU A 27 0.71 17.31 32.51
N LEU A 28 1.16 16.16 33.00
CA LEU A 28 0.33 14.97 33.07
C LEU A 28 -0.25 14.58 34.40
N GLY A 29 0.31 15.09 35.50
CA GLY A 29 -0.18 14.69 36.81
C GLY A 29 0.75 13.61 37.33
N ASP A 30 0.99 13.61 38.65
CA ASP A 30 1.89 12.62 39.27
C ASP A 30 1.60 11.16 38.97
N ASP A 31 0.31 10.82 38.92
CA ASP A 31 -0.12 9.46 38.66
C ASP A 31 0.23 8.97 37.25
N ASN A 32 0.56 9.91 36.37
CA ASN A 32 0.89 9.57 35.00
C ASN A 32 2.38 9.65 34.69
N VAL A 33 3.18 9.78 35.73
CA VAL A 33 4.63 9.84 35.57
C VAL A 33 5.20 8.78 36.50
N LEU A 34 5.80 7.74 35.92
CA LEU A 34 6.35 6.64 36.70
C LEU A 34 7.88 6.62 36.72
N VAL A 35 8.45 6.78 37.90
CA VAL A 35 9.90 6.78 38.03
C VAL A 35 10.42 5.74 39.03
N GLU A 36 9.52 5.12 39.79
CA GLU A 36 9.93 4.13 40.77
C GLU A 36 10.15 2.75 40.14
N SER A 37 11.21 2.07 40.59
CA SER A 37 11.54 0.75 40.06
C SER A 37 10.38 -0.23 39.95
N ASP A 38 9.55 -0.31 40.99
CA ASP A 38 8.42 -1.24 40.94
C ASP A 38 7.38 -0.88 39.90
N GLN A 39 7.29 0.40 39.56
CA GLN A 39 6.32 0.83 38.56
C GLN A 39 6.86 0.52 37.16
N LEU A 40 8.18 0.48 37.05
CA LEU A 40 8.80 0.22 35.76
C LEU A 40 9.08 -1.25 35.40
N VAL A 41 9.19 -2.11 36.41
N VAL A 41 9.19 -2.11 36.41
CA VAL A 41 9.50 -3.52 36.15
CA VAL A 41 9.48 -3.52 36.17
C VAL A 41 8.56 -4.21 35.14
C VAL A 41 8.57 -4.21 35.14
N PRO A 42 7.25 -3.91 35.15
CA PRO A 42 6.42 -4.59 34.14
C PRO A 42 6.79 -4.27 32.69
N TYR A 43 7.30 -3.06 32.45
CA TYR A 43 7.71 -2.64 31.10
C TYR A 43 9.03 -3.29 30.70
N ASN A 44 9.78 -3.76 31.70
CA ASN A 44 11.09 -4.35 31.47
C ASN A 44 11.10 -5.84 31.09
N LYS A 45 9.96 -6.50 31.20
CA LYS A 45 9.87 -7.93 30.88
C LYS A 45 10.20 -8.19 29.40
N ILE A 46 11.29 -8.92 29.15
CA ILE A 46 11.70 -9.23 27.78
C ILE A 46 11.99 -10.70 27.56
N MET A 47 11.90 -11.13 26.29
CA MET A 47 12.16 -12.52 25.95
C MET A 47 13.46 -12.65 25.16
N MET A 48 14.19 -11.54 25.06
CA MET A 48 15.47 -11.51 24.34
C MET A 48 16.59 -12.05 25.21
N PRO A 49 17.61 -12.66 24.58
CA PRO A 49 18.75 -13.24 25.33
C PRO A 49 19.75 -12.23 25.85
N VAL A 50 19.31 -11.35 26.73
CA VAL A 50 20.17 -10.34 27.31
C VAL A 50 19.52 -9.97 28.65
N GLU A 51 20.33 -9.49 29.60
CA GLU A 51 19.78 -9.12 30.90
C GLU A 51 18.83 -7.93 30.77
N ASN A 52 17.86 -7.87 31.68
CA ASN A 52 16.86 -6.80 31.72
C ASN A 52 17.46 -5.40 31.64
N ALA A 53 18.58 -5.22 32.35
CA ALA A 53 19.26 -3.91 32.40
C ALA A 53 19.55 -3.29 31.04
N ALA A 54 19.83 -4.14 30.05
CA ALA A 54 20.16 -3.68 28.70
C ALA A 54 19.01 -2.92 28.02
N HIS A 55 17.80 -3.08 28.52
CA HIS A 55 16.63 -2.42 27.95
C HIS A 55 15.78 -1.77 29.04
N ALA A 56 16.41 -1.44 30.17
CA ALA A 56 15.68 -0.81 31.26
C ALA A 56 15.33 0.65 30.95
N PRO A 57 14.06 1.03 31.15
CA PRO A 57 13.64 2.42 30.90
C PRO A 57 14.02 3.27 32.11
N SER A 58 14.17 4.56 31.90
CA SER A 58 14.50 5.47 32.99
C SER A 58 13.19 5.92 33.64
N ALA A 59 12.11 5.88 32.86
CA ALA A 59 10.78 6.26 33.35
C ALA A 59 9.73 5.92 32.31
N ALA A 60 8.48 6.13 32.69
CA ALA A 60 7.37 5.91 31.79
C ALA A 60 6.33 6.98 32.05
N VAL A 61 5.72 7.50 31.00
CA VAL A 61 4.66 8.49 31.19
C VAL A 61 3.46 8.02 30.37
N THR A 62 2.27 8.17 30.94
CA THR A 62 1.05 7.75 30.26
C THR A 62 0.23 8.95 29.84
N ALA A 63 -0.05 9.06 28.54
CA ALA A 63 -0.83 10.17 28.02
C ALA A 63 -2.16 9.66 27.49
N THR A 64 -3.20 10.51 27.54
CA THR A 64 -4.51 10.10 27.05
C THR A 64 -5.04 11.03 25.97
N THR A 65 -4.33 12.12 25.70
CA THR A 65 -4.76 13.07 24.68
C THR A 65 -3.63 13.50 23.77
N VAL A 66 -4.00 14.01 22.61
CA VAL A 66 -3.02 14.49 21.63
C VAL A 66 -2.28 15.66 22.22
N GLU A 67 -3.00 16.54 22.91
CA GLU A 67 -2.38 17.70 23.52
C GLU A 67 -1.29 17.29 24.54
N GLN A 68 -1.52 16.21 25.27
CA GLN A 68 -0.51 15.77 26.24
C GLN A 68 0.71 15.22 25.51
N VAL A 69 0.48 14.53 24.40
CA VAL A 69 1.60 13.97 23.62
C VAL A 69 2.41 15.14 23.07
N GLN A 70 1.73 16.19 22.65
CA GLN A 70 2.43 17.36 22.13
C GLN A 70 3.26 17.98 23.26
N GLY A 71 2.71 17.98 24.47
CA GLY A 71 3.42 18.56 25.60
C GLY A 71 4.65 17.73 25.94
N VAL A 72 4.51 16.41 25.85
CA VAL A 72 5.62 15.50 26.12
C VAL A 72 6.80 15.75 25.16
N VAL A 73 6.52 15.88 23.85
CA VAL A 73 7.64 16.11 22.93
C VAL A 73 8.28 17.48 23.16
N LYS A 74 7.51 18.46 23.56
CA LYS A 74 8.06 19.79 23.82
C LYS A 74 9.11 19.67 24.94
N ILE A 75 8.73 19.01 26.03
CA ILE A 75 9.61 18.80 27.17
C ILE A 75 10.82 17.96 26.75
N CYS A 76 10.58 16.91 25.96
CA CYS A 76 11.68 16.06 25.50
C CYS A 76 12.70 16.85 24.69
N ASN A 77 12.23 17.77 23.85
CA ASN A 77 13.14 18.60 23.06
C ASN A 77 13.91 19.56 23.97
N GLU A 78 13.24 20.07 24.99
CA GLU A 78 13.88 21.00 25.91
C GLU A 78 15.05 20.39 26.67
N HIS A 79 14.90 19.14 27.09
CA HIS A 79 15.95 18.49 27.85
C HIS A 79 16.60 17.30 27.16
N LYS A 80 16.40 17.19 25.85
CA LYS A 80 16.98 16.12 25.05
C LYS A 80 16.68 14.73 25.60
N ILE A 81 15.42 14.51 25.93
CA ILE A 81 14.98 13.25 26.51
C ILE A 81 14.49 12.30 25.41
N PRO A 82 15.12 11.13 25.25
CA PRO A 82 14.66 10.20 24.20
C PRO A 82 13.45 9.42 24.71
N ILE A 83 12.40 9.31 23.89
CA ILE A 83 11.22 8.56 24.28
C ILE A 83 10.91 7.40 23.34
N TRP A 84 10.52 6.29 23.94
CA TRP A 84 10.18 5.09 23.24
C TRP A 84 8.67 4.94 23.36
N THR A 85 7.96 5.06 22.23
CA THR A 85 6.50 4.97 22.24
C THR A 85 5.95 3.57 22.03
N ILE A 86 4.99 3.19 22.87
CA ILE A 86 4.32 1.91 22.76
C ILE A 86 2.82 2.20 22.83
N SER A 87 2.02 1.34 22.22
CA SER A 87 0.58 1.50 22.21
C SER A 87 0.00 0.47 23.20
N THR A 88 -0.07 -0.79 22.79
CA THR A 88 -0.56 -1.82 23.71
C THR A 88 0.63 -2.60 24.31
N GLY A 89 1.81 -2.37 23.72
CA GLY A 89 3.05 -2.95 24.24
C GLY A 89 3.23 -4.46 24.33
N ARG A 90 2.44 -5.22 23.56
CA ARG A 90 2.52 -6.67 23.63
C ARG A 90 3.42 -7.23 22.50
N ASN A 91 4.52 -6.54 22.20
CA ASN A 91 5.40 -6.96 21.11
C ASN A 91 6.37 -8.11 21.46
N PHE A 92 5.79 -9.20 21.95
CA PHE A 92 6.54 -10.38 22.38
C PHE A 92 7.38 -10.98 21.26
N GLY A 93 8.66 -11.21 21.54
CA GLY A 93 9.55 -11.79 20.54
C GLY A 93 10.23 -10.72 19.70
N TYR A 94 9.78 -9.48 19.89
CA TYR A 94 10.33 -8.34 19.18
C TYR A 94 10.77 -7.23 20.15
N GLY A 95 10.83 -7.57 21.44
CA GLY A 95 11.25 -6.60 22.43
C GLY A 95 10.17 -6.20 23.43
N SER A 96 8.96 -6.71 23.23
CA SER A 96 7.84 -6.41 24.13
C SER A 96 7.61 -4.90 24.35
N ALA A 97 7.54 -4.45 25.60
CA ALA A 97 7.29 -3.01 25.87
C ALA A 97 8.53 -2.21 26.27
N ALA A 98 9.68 -2.89 26.31
CA ALA A 98 10.93 -2.24 26.70
C ALA A 98 11.55 -1.42 25.56
N PRO A 99 12.23 -0.32 25.91
CA PRO A 99 12.86 0.56 24.91
C PRO A 99 14.02 -0.09 24.16
N VAL A 100 14.28 0.37 22.94
CA VAL A 100 15.35 -0.18 22.14
C VAL A 100 16.71 0.11 22.78
N GLN A 101 16.84 1.24 23.48
CA GLN A 101 18.08 1.55 24.19
C GLN A 101 17.84 1.77 25.68
N ARG A 102 18.76 1.28 26.49
CA ARG A 102 18.66 1.43 27.94
C ARG A 102 18.51 2.91 28.32
N GLY A 103 17.63 3.19 29.28
CA GLY A 103 17.47 4.57 29.74
C GLY A 103 16.44 5.47 29.08
N GLN A 104 15.82 5.02 27.99
CA GLN A 104 14.83 5.86 27.35
C GLN A 104 13.57 5.94 28.21
N VAL A 105 12.81 7.01 28.04
CA VAL A 105 11.56 7.18 28.75
C VAL A 105 10.50 6.54 27.87
N ILE A 106 9.64 5.72 28.46
CA ILE A 106 8.60 5.09 27.68
C ILE A 106 7.37 5.98 27.64
N LEU A 107 6.89 6.28 26.43
CA LEU A 107 5.66 7.05 26.28
C LEU A 107 4.65 5.92 26.07
N ASP A 108 3.90 5.62 27.12
CA ASP A 108 2.94 4.54 27.13
C ASP A 108 1.53 5.07 26.81
N LEU A 109 1.04 4.75 25.62
CA LEU A 109 -0.28 5.22 25.17
C LEU A 109 -1.44 4.25 25.43
N LYS A 110 -1.24 3.25 26.27
CA LYS A 110 -2.27 2.26 26.54
C LYS A 110 -3.61 2.86 27.02
N LYS A 111 -3.55 3.95 27.78
CA LYS A 111 -4.78 4.57 28.29
C LYS A 111 -5.51 5.45 27.26
N MET A 112 -4.83 5.75 26.15
N MET A 112 -4.83 5.74 26.15
CA MET A 112 -5.40 6.55 25.07
CA MET A 112 -5.37 6.54 25.07
C MET A 112 -6.10 5.49 24.23
C MET A 112 -6.08 5.47 24.24
N ASN A 113 -7.20 4.99 24.78
CA ASN A 113 -7.94 3.90 24.17
C ASN A 113 -9.35 4.06 23.63
N LYS A 114 -9.62 5.17 22.95
CA LYS A 114 -10.96 5.36 22.40
C LYS A 114 -11.13 4.78 21.02
N ILE A 115 -12.24 4.10 20.81
CA ILE A 115 -12.58 3.60 19.50
C ILE A 115 -13.32 4.85 19.02
N ILE A 116 -12.73 5.59 18.09
CA ILE A 116 -13.36 6.81 17.63
C ILE A 116 -14.54 6.54 16.73
N LYS A 117 -14.39 5.58 15.84
CA LYS A 117 -15.45 5.25 14.94
C LYS A 117 -15.34 3.89 14.27
N ILE A 118 -16.49 3.26 14.07
CA ILE A 118 -16.56 2.00 13.35
C ILE A 118 -17.77 2.20 12.45
N ASP A 119 -17.53 2.32 11.16
CA ASP A 119 -18.58 2.53 10.17
C ASP A 119 -18.93 1.15 9.61
N PRO A 120 -20.14 0.65 9.89
CA PRO A 120 -20.55 -0.68 9.40
C PRO A 120 -20.94 -0.74 7.92
N GLU A 121 -21.09 0.40 7.27
CA GLU A 121 -21.48 0.45 5.85
C GLU A 121 -20.25 0.61 4.96
N MET A 122 -19.40 1.56 5.28
CA MET A 122 -18.17 1.78 4.51
C MET A 122 -17.10 0.81 5.03
N CYS A 123 -17.45 0.12 6.11
CA CYS A 123 -16.60 -0.87 6.73
C CYS A 123 -15.17 -0.45 7.05
N TYR A 124 -15.04 0.39 8.07
CA TYR A 124 -13.74 0.82 8.53
C TYR A 124 -13.81 1.20 9.99
N ALA A 125 -12.63 1.37 10.59
CA ALA A 125 -12.53 1.76 11.97
C ALA A 125 -11.47 2.85 12.07
N LEU A 126 -11.64 3.72 13.07
CA LEU A 126 -10.70 4.80 13.38
C LEU A 126 -10.51 4.64 14.89
N VAL A 127 -9.27 4.39 15.30
CA VAL A 127 -8.99 4.17 16.72
C VAL A 127 -7.72 4.84 17.25
N GLU A 128 -7.63 4.86 18.58
CA GLU A 128 -6.50 5.40 19.29
C GLU A 128 -5.54 4.25 19.59
N PRO A 129 -4.30 4.55 19.95
CA PRO A 129 -3.28 3.54 20.24
C PRO A 129 -3.57 2.45 21.27
N GLY A 130 -4.22 2.82 22.38
CA GLY A 130 -4.50 1.86 23.44
C GLY A 130 -5.65 0.89 23.17
N VAL A 131 -6.35 1.07 22.05
CA VAL A 131 -7.44 0.16 21.70
C VAL A 131 -6.89 -1.24 21.43
N THR A 132 -7.49 -2.25 22.05
CA THR A 132 -7.05 -3.64 21.84
C THR A 132 -8.04 -4.35 20.93
N PHE A 133 -7.63 -5.45 20.32
CA PHE A 133 -8.54 -6.20 19.46
C PHE A 133 -9.69 -6.81 20.30
N GLY A 134 -9.40 -7.13 21.55
CA GLY A 134 -10.42 -7.69 22.43
C GLY A 134 -11.51 -6.64 22.66
N GLN A 135 -11.07 -5.40 22.85
CA GLN A 135 -11.98 -4.27 23.06
C GLN A 135 -12.84 -4.07 21.81
N MET A 136 -12.22 -4.10 20.63
CA MET A 136 -12.96 -3.94 19.38
C MET A 136 -13.90 -5.10 19.12
N TYR A 137 -13.45 -6.32 19.43
CA TYR A 137 -14.29 -7.48 19.23
C TYR A 137 -15.56 -7.35 20.07
N ASP A 138 -15.40 -6.99 21.34
CA ASP A 138 -16.54 -6.80 22.25
C ASP A 138 -17.49 -5.74 21.70
N TYR A 139 -16.94 -4.63 21.23
CA TYR A 139 -17.76 -3.55 20.70
C TYR A 139 -18.57 -4.00 19.49
N ILE A 140 -17.91 -4.72 18.59
CA ILE A 140 -18.55 -5.21 17.38
C ILE A 140 -19.69 -6.20 17.70
N GLN A 141 -19.46 -7.08 18.67
CA GLN A 141 -20.47 -8.06 19.05
C GLN A 141 -21.64 -7.42 19.81
N GLU A 142 -21.33 -6.56 20.79
CA GLU A 142 -22.37 -5.89 21.57
C GLU A 142 -23.29 -5.08 20.66
N ASN A 143 -22.72 -4.51 19.60
CA ASN A 143 -23.51 -3.70 18.68
C ASN A 143 -23.95 -4.45 17.43
N ASN A 144 -23.64 -5.74 17.39
CA ASN A 144 -24.04 -6.60 16.28
C ASN A 144 -23.65 -6.01 14.93
N LEU A 145 -22.44 -5.45 14.83
CA LEU A 145 -21.96 -4.86 13.58
C LEU A 145 -21.51 -5.97 12.64
N PRO A 146 -21.97 -5.92 11.38
CA PRO A 146 -21.61 -6.93 10.38
C PRO A 146 -20.20 -6.84 9.81
N VAL A 147 -19.20 -6.75 10.68
CA VAL A 147 -17.81 -6.67 10.22
C VAL A 147 -16.96 -7.64 11.03
N MET A 148 -15.76 -7.92 10.53
CA MET A 148 -14.86 -8.80 11.26
C MET A 148 -13.46 -8.18 11.30
N LEU A 149 -12.68 -8.63 12.27
CA LEU A 149 -11.33 -8.14 12.48
C LEU A 149 -10.30 -9.07 11.91
N SER A 150 -9.07 -8.60 11.88
CA SER A 150 -7.94 -9.40 11.45
C SER A 150 -6.88 -9.10 12.51
N PHE A 151 -6.18 -10.11 12.99
CA PHE A 151 -5.17 -9.86 14.00
C PHE A 151 -4.15 -10.98 14.21
N SER A 152 -3.04 -10.58 14.83
CA SER A 152 -1.95 -11.45 15.19
C SER A 152 -2.52 -12.40 16.27
N ALA A 153 -1.83 -13.51 16.52
CA ALA A 153 -2.29 -14.46 17.53
C ALA A 153 -2.54 -13.87 18.91
N PRO A 154 -1.72 -12.88 19.34
CA PRO A 154 -1.92 -12.26 20.66
C PRO A 154 -3.26 -11.55 20.70
N SER A 155 -3.88 -11.48 19.53
CA SER A 155 -5.22 -10.92 19.34
C SER A 155 -5.86 -10.12 20.47
N ALA A 156 -6.60 -10.78 21.35
CA ALA A 156 -7.31 -10.10 22.44
C ALA A 156 -6.53 -9.01 23.16
N ILE A 157 -5.26 -9.25 23.49
CA ILE A 157 -4.48 -8.26 24.23
C ILE A 157 -3.63 -7.32 23.38
N ALA A 158 -3.46 -7.67 22.10
CA ALA A 158 -2.67 -6.80 21.22
C ALA A 158 -3.63 -5.73 20.66
N GLY A 159 -3.12 -4.84 19.81
CA GLY A 159 -3.97 -3.78 19.27
C GLY A 159 -3.61 -3.43 17.85
N PRO A 160 -4.55 -2.86 17.08
CA PRO A 160 -4.24 -2.51 15.68
C PRO A 160 -3.18 -1.43 15.44
N VAL A 161 -3.15 -0.39 16.26
CA VAL A 161 -2.16 0.66 16.05
C VAL A 161 -0.74 0.13 16.24
N GLY A 162 -0.48 -0.45 17.41
CA GLY A 162 0.84 -0.98 17.66
C GLY A 162 1.26 -2.04 16.67
N ASN A 163 0.38 -3.01 16.40
CA ASN A 163 0.74 -4.06 15.47
C ASN A 163 1.03 -3.51 14.07
N THR A 164 0.21 -2.57 13.63
CA THR A 164 0.39 -2.02 12.29
C THR A 164 1.62 -1.13 12.20
N MET A 165 1.99 -0.45 13.30
CA MET A 165 3.19 0.39 13.26
C MET A 165 4.43 -0.47 13.07
N ASP A 166 4.31 -1.77 13.37
CA ASP A 166 5.43 -2.68 13.16
C ASP A 166 5.16 -3.56 11.92
N ARG A 167 4.11 -3.21 11.18
CA ARG A 167 3.68 -3.93 9.98
C ARG A 167 3.46 -5.41 10.21
N GLY A 168 2.72 -5.71 11.28
CA GLY A 168 2.37 -7.07 11.65
C GLY A 168 1.33 -7.67 10.71
N VAL A 169 1.02 -8.95 10.91
CA VAL A 169 0.09 -9.65 10.04
C VAL A 169 -0.95 -10.49 10.77
N GLY A 170 -2.02 -10.78 10.04
CA GLY A 170 -3.13 -11.57 10.54
C GLY A 170 -3.44 -12.75 9.62
N TYR A 171 -4.58 -13.40 9.86
CA TYR A 171 -4.94 -14.60 9.13
C TYR A 171 -6.24 -14.66 8.34
N THR A 172 -6.82 -13.50 8.05
CA THR A 172 -8.04 -13.44 7.25
C THR A 172 -7.63 -12.81 5.92
N PRO A 173 -8.57 -12.58 5.00
CA PRO A 173 -8.19 -11.97 3.72
C PRO A 173 -7.65 -10.54 3.93
N TYR A 174 -7.84 -10.00 5.14
CA TYR A 174 -7.36 -8.66 5.47
C TYR A 174 -6.10 -8.78 6.33
N GLY A 175 -5.42 -9.92 6.22
CA GLY A 175 -4.23 -10.20 7.01
C GLY A 175 -2.99 -9.33 6.86
N GLU A 176 -2.86 -8.65 5.73
N GLU A 176 -2.80 -8.67 5.73
CA GLU A 176 -1.72 -7.76 5.52
CA GLU A 176 -1.63 -7.79 5.58
C GLU A 176 -2.21 -6.44 6.10
C GLU A 176 -2.11 -6.43 6.09
N HIS A 177 -2.08 -6.30 7.41
CA HIS A 177 -2.55 -5.11 8.09
C HIS A 177 -2.15 -3.75 7.55
N PHE A 178 -0.87 -3.54 7.24
CA PHE A 178 -0.51 -2.22 6.74
C PHE A 178 -1.23 -1.94 5.42
N MET A 179 -1.42 -2.98 4.61
N MET A 179 -1.41 -2.97 4.60
CA MET A 179 -2.08 -2.86 3.32
CA MET A 179 -2.07 -2.79 3.32
C MET A 179 -3.52 -2.37 3.48
C MET A 179 -3.52 -2.33 3.50
N MET A 180 -4.17 -2.78 4.57
CA MET A 180 -5.55 -2.40 4.84
C MET A 180 -5.69 -1.13 5.71
N GLN A 181 -4.56 -0.57 6.13
CA GLN A 181 -4.56 0.64 6.95
C GLN A 181 -4.91 1.83 6.05
N CYS A 182 -5.67 2.80 6.56
CA CYS A 182 -6.05 3.96 5.74
C CYS A 182 -6.25 5.17 6.64
N GLY A 183 -5.33 6.13 6.53
CA GLY A 183 -5.41 7.33 7.34
C GLY A 183 -4.65 7.13 8.63
N MET A 184 -3.81 8.11 8.98
CA MET A 184 -3.01 8.02 10.18
C MET A 184 -2.75 9.43 10.70
N GLU A 185 -2.70 9.56 12.02
CA GLU A 185 -2.40 10.84 12.65
C GLU A 185 -1.15 10.62 13.50
N VAL A 186 -0.19 11.54 13.38
CA VAL A 186 1.04 11.45 14.17
C VAL A 186 1.41 12.82 14.72
N VAL A 187 2.05 12.80 15.88
CA VAL A 187 2.53 14.04 16.45
C VAL A 187 4.00 13.99 16.06
N LEU A 188 4.46 15.05 15.39
CA LEU A 188 5.86 15.13 14.97
C LEU A 188 6.72 15.66 16.13
N ALA A 189 8.04 15.45 16.06
CA ALA A 189 8.92 15.91 17.13
C ALA A 189 8.75 17.40 17.45
N ASN A 190 8.37 18.21 16.45
CA ASN A 190 8.19 19.63 16.70
C ASN A 190 6.83 19.95 17.30
N GLY A 191 6.04 18.91 17.57
CA GLY A 191 4.71 19.13 18.15
C GLY A 191 3.56 19.22 17.16
N ASP A 192 3.87 19.38 15.87
CA ASP A 192 2.82 19.47 14.85
C ASP A 192 2.03 18.18 14.78
N VAL A 193 0.73 18.29 14.54
CA VAL A 193 -0.12 17.13 14.40
C VAL A 193 -0.37 16.94 12.90
N TYR A 194 0.21 15.90 12.34
CA TYR A 194 0.07 15.60 10.90
C TYR A 194 -0.87 14.46 10.61
N ARG A 195 -1.77 14.64 9.64
CA ARG A 195 -2.69 13.59 9.25
C ARG A 195 -2.40 13.22 7.81
N THR A 196 -2.20 11.94 7.54
CA THR A 196 -1.92 11.49 6.18
C THR A 196 -3.18 11.45 5.36
N GLY A 197 -3.00 11.10 4.08
CA GLY A 197 -4.13 10.95 3.18
C GLY A 197 -5.05 12.15 3.07
N MET A 198 -6.35 11.89 3.22
CA MET A 198 -7.36 12.93 3.13
C MET A 198 -7.57 13.66 4.46
N GLY A 199 -6.82 13.25 5.49
CA GLY A 199 -6.97 13.84 6.82
C GLY A 199 -6.70 15.33 6.95
N GLY A 200 -5.78 15.85 6.15
CA GLY A 200 -5.45 17.26 6.24
C GLY A 200 -6.50 18.20 5.68
N VAL A 201 -7.45 17.67 4.91
CA VAL A 201 -8.50 18.49 4.30
C VAL A 201 -9.60 18.84 5.31
N PRO A 202 -9.77 20.14 5.61
CA PRO A 202 -10.81 20.55 6.57
C PRO A 202 -12.19 20.06 6.15
N GLY A 203 -12.92 19.45 7.07
CA GLY A 203 -14.25 18.96 6.74
C GLY A 203 -14.27 17.67 5.93
N SER A 204 -13.11 17.05 5.79
CA SER A 204 -12.98 15.81 5.02
C SER A 204 -13.75 14.64 5.64
N ASN A 205 -14.33 13.79 4.79
CA ASN A 205 -15.02 12.60 5.30
C ASN A 205 -14.44 11.36 4.62
N THR A 206 -13.26 11.51 4.02
CA THR A 206 -12.63 10.39 3.33
C THR A 206 -11.28 9.91 3.90
N TRP A 207 -10.98 10.32 5.13
CA TRP A 207 -9.74 9.90 5.76
C TRP A 207 -9.57 8.38 5.80
N GLN A 208 -10.65 7.64 6.07
CA GLN A 208 -10.59 6.17 6.12
C GLN A 208 -11.18 5.54 4.86
N ILE A 209 -11.32 6.37 3.83
CA ILE A 209 -11.90 5.97 2.55
C ILE A 209 -10.86 5.81 1.44
N PHE A 210 -10.03 6.84 1.25
CA PHE A 210 -9.00 6.82 0.20
C PHE A 210 -7.61 6.99 0.84
N LYS A 211 -6.75 5.99 0.65
CA LYS A 211 -5.42 5.97 1.25
C LYS A 211 -4.41 7.07 0.96
N TRP A 212 -4.13 7.28 -0.31
CA TRP A 212 -3.06 8.17 -0.74
C TRP A 212 -3.13 9.67 -0.50
N GLY A 213 -4.30 10.27 -0.66
CA GLY A 213 -4.39 11.71 -0.52
C GLY A 213 -3.73 12.30 -1.77
N TYR A 214 -3.03 13.41 -1.59
CA TYR A 214 -2.37 14.10 -2.68
C TYR A 214 -0.93 14.38 -2.30
N GLY A 215 -0.03 14.36 -3.28
CA GLY A 215 1.37 14.61 -3.00
C GLY A 215 1.98 13.37 -2.38
N PRO A 216 3.18 13.47 -1.78
CA PRO A 216 3.77 12.26 -1.18
C PRO A 216 2.82 11.62 -0.18
N THR A 217 2.71 10.29 -0.23
CA THR A 217 1.84 9.58 0.71
C THR A 217 2.81 8.96 1.70
N LEU A 218 2.69 9.44 2.94
CA LEU A 218 3.63 9.11 4.01
C LEU A 218 3.38 8.06 5.07
N ASP A 219 2.22 7.42 5.08
CA ASP A 219 1.95 6.42 6.11
C ASP A 219 3.10 5.41 6.25
N GLY A 220 3.58 4.90 5.12
CA GLY A 220 4.67 3.93 5.15
C GLY A 220 5.92 4.46 5.81
N MET A 221 6.20 5.74 5.58
CA MET A 221 7.38 6.38 6.16
C MET A 221 7.39 6.34 7.68
N PHE A 222 6.20 6.32 8.28
CA PHE A 222 6.12 6.28 9.75
C PHE A 222 6.18 4.87 10.35
N THR A 223 5.73 3.86 9.60
CA THR A 223 5.77 2.49 10.08
C THR A 223 7.21 2.02 10.21
N GLN A 224 7.48 1.24 11.26
CA GLN A 224 8.83 0.75 11.58
C GLN A 224 9.84 1.89 11.56
N ALA A 225 9.40 3.07 11.99
CA ALA A 225 10.28 4.21 11.98
C ALA A 225 10.09 5.06 13.25
N ASN A 226 10.92 6.07 13.42
CA ASN A 226 10.83 6.95 14.58
C ASN A 226 10.76 8.40 14.11
N TYR A 227 9.86 8.66 13.17
CA TYR A 227 9.67 10.00 12.61
C TYR A 227 8.43 10.70 13.17
N GLY A 228 7.68 9.99 14.01
CA GLY A 228 6.48 10.58 14.58
C GLY A 228 5.84 9.61 15.57
N ILE A 229 4.88 10.10 16.33
CA ILE A 229 4.17 9.29 17.34
C ILE A 229 2.73 9.16 16.85
N CYS A 230 2.31 7.93 16.54
CA CYS A 230 0.95 7.74 16.04
C CYS A 230 -0.07 7.88 17.17
N THR A 231 -1.07 8.73 16.97
CA THR A 231 -2.10 8.98 17.98
C THR A 231 -3.48 8.53 17.54
N LYS A 232 -3.63 8.28 16.23
CA LYS A 232 -4.88 7.80 15.63
C LYS A 232 -4.52 7.01 14.40
N MET A 233 -5.29 5.96 14.15
CA MET A 233 -5.09 5.16 12.96
C MET A 233 -6.41 4.58 12.45
N GLY A 234 -6.61 4.65 11.15
CA GLY A 234 -7.80 4.10 10.55
C GLY A 234 -7.41 2.88 9.74
N PHE A 235 -8.36 1.97 9.55
CA PHE A 235 -8.11 0.78 8.76
C PHE A 235 -9.43 0.18 8.30
N TRP A 236 -9.37 -0.52 7.16
CA TRP A 236 -10.54 -1.15 6.59
C TRP A 236 -10.88 -2.46 7.28
N LEU A 237 -12.17 -2.74 7.36
CA LEU A 237 -12.68 -3.95 7.99
C LEU A 237 -13.39 -4.80 6.97
N MET A 238 -13.19 -6.09 7.05
CA MET A 238 -13.83 -7.01 6.14
C MET A 238 -15.30 -7.21 6.50
N PRO A 239 -16.21 -7.07 5.53
CA PRO A 239 -17.64 -7.27 5.80
C PRO A 239 -17.80 -8.74 6.23
N LYS A 240 -18.65 -9.00 7.20
CA LYS A 240 -18.87 -10.37 7.67
C LYS A 240 -19.59 -11.14 6.54
N PRO A 241 -18.96 -12.21 6.01
CA PRO A 241 -19.57 -12.99 4.94
C PRO A 241 -20.66 -13.94 5.46
N PRO A 242 -21.54 -14.41 4.56
CA PRO A 242 -22.60 -15.33 5.00
C PRO A 242 -22.01 -16.65 5.49
N VAL A 243 -21.00 -17.15 4.76
CA VAL A 243 -20.37 -18.43 5.09
C VAL A 243 -18.85 -18.36 5.26
N PHE A 244 -18.36 -19.05 6.27
CA PHE A 244 -16.93 -19.13 6.60
C PHE A 244 -16.62 -20.61 6.65
N LYS A 245 -15.65 -21.05 5.86
CA LYS A 245 -15.28 -22.45 5.84
C LYS A 245 -13.79 -22.68 6.05
N PRO A 246 -13.37 -22.90 7.30
CA PRO A 246 -11.96 -23.14 7.58
C PRO A 246 -11.68 -24.61 7.30
N PHE A 247 -10.44 -24.92 6.93
CA PHE A 247 -10.07 -26.30 6.66
C PHE A 247 -8.57 -26.45 6.87
N GLU A 248 -8.11 -27.69 6.95
CA GLU A 248 -6.69 -27.98 7.13
C GLU A 248 -6.30 -29.09 6.16
N VAL A 249 -5.01 -29.11 5.79
CA VAL A 249 -4.49 -30.16 4.93
C VAL A 249 -3.19 -30.60 5.62
N ILE A 250 -3.13 -31.87 5.99
CA ILE A 250 -1.96 -32.42 6.67
C ILE A 250 -1.04 -33.19 5.72
N PHE A 251 0.24 -32.84 5.72
CA PHE A 251 1.25 -33.46 4.89
C PHE A 251 2.27 -34.18 5.79
N GLU A 252 2.68 -35.38 5.38
CA GLU A 252 3.59 -36.19 6.19
C GLU A 252 5.09 -35.95 6.10
N ASP A 253 5.60 -35.48 4.98
CA ASP A 253 7.04 -35.29 4.84
C ASP A 253 7.60 -33.88 4.76
N GLU A 254 8.73 -33.67 5.44
CA GLU A 254 9.38 -32.37 5.44
C GLU A 254 9.57 -31.88 4.00
N ALA A 255 9.92 -32.80 3.11
CA ALA A 255 10.17 -32.46 1.71
C ALA A 255 8.93 -32.01 0.92
N ASP A 256 7.74 -32.33 1.43
CA ASP A 256 6.51 -31.93 0.74
C ASP A 256 6.35 -30.42 0.61
N ILE A 257 7.03 -29.65 1.44
CA ILE A 257 6.90 -28.20 1.40
C ILE A 257 7.03 -27.64 -0.02
N VAL A 258 7.87 -28.28 -0.84
CA VAL A 258 8.04 -27.83 -2.21
C VAL A 258 6.73 -27.90 -3.02
N GLU A 259 6.12 -29.09 -3.06
N GLU A 259 6.12 -29.08 -3.05
CA GLU A 259 4.86 -29.26 -3.80
CA GLU A 259 4.87 -29.26 -3.80
C GLU A 259 3.68 -28.54 -3.14
C GLU A 259 3.69 -28.55 -3.14
N ILE A 260 3.73 -28.43 -1.83
CA ILE A 260 2.67 -27.75 -1.09
C ILE A 260 2.61 -26.29 -1.54
N VAL A 261 3.74 -25.60 -1.45
CA VAL A 261 3.82 -24.19 -1.82
C VAL A 261 3.55 -23.95 -3.31
N ASP A 262 4.07 -24.81 -4.17
CA ASP A 262 3.85 -24.62 -5.59
C ASP A 262 2.40 -24.88 -6.01
N ALA A 263 1.72 -25.78 -5.31
CA ALA A 263 0.31 -26.05 -5.61
C ALA A 263 -0.55 -24.95 -5.01
N LEU A 264 -0.14 -24.43 -3.87
CA LEU A 264 -0.90 -23.38 -3.20
C LEU A 264 -0.81 -22.01 -3.88
N ARG A 265 0.36 -21.66 -4.37
CA ARG A 265 0.56 -20.36 -5.00
C ARG A 265 -0.55 -19.94 -5.97
N PRO A 266 -0.84 -20.76 -6.98
CA PRO A 266 -1.90 -20.40 -7.93
C PRO A 266 -3.24 -20.13 -7.25
N LEU A 267 -3.55 -20.90 -6.21
CA LEU A 267 -4.81 -20.72 -5.48
C LEU A 267 -4.87 -19.38 -4.76
N ARG A 268 -3.72 -18.94 -4.24
CA ARG A 268 -3.66 -17.66 -3.53
C ARG A 268 -3.64 -16.51 -4.55
N MET A 269 -2.86 -16.72 -5.61
CA MET A 269 -2.73 -15.75 -6.69
C MET A 269 -4.06 -15.45 -7.38
N SER A 270 -4.92 -16.46 -7.51
CA SER A 270 -6.21 -16.25 -8.15
C SER A 270 -7.26 -15.82 -7.13
N ASN A 271 -6.85 -15.80 -5.87
CA ASN A 271 -7.72 -15.41 -4.77
C ASN A 271 -8.78 -16.47 -4.45
N THR A 272 -8.65 -17.66 -5.04
CA THR A 272 -9.59 -18.74 -4.77
C THR A 272 -9.52 -19.04 -3.27
N ILE A 273 -8.32 -18.96 -2.71
CA ILE A 273 -8.11 -19.09 -1.27
C ILE A 273 -7.64 -17.64 -1.02
N PRO A 274 -8.50 -16.81 -0.43
CA PRO A 274 -8.24 -15.40 -0.14
C PRO A 274 -7.51 -14.97 1.13
N ASN A 275 -7.40 -15.85 2.11
CA ASN A 275 -6.74 -15.45 3.35
C ASN A 275 -5.28 -15.83 3.43
N SER A 276 -4.59 -15.18 4.38
CA SER A 276 -3.19 -15.44 4.62
C SER A 276 -3.11 -16.84 5.18
N VAL A 277 -2.85 -17.80 4.31
CA VAL A 277 -2.72 -19.20 4.69
C VAL A 277 -1.48 -19.44 5.54
N VAL A 278 -1.51 -20.53 6.32
CA VAL A 278 -0.39 -20.90 7.17
C VAL A 278 0.00 -22.36 6.91
N ILE A 279 1.31 -22.61 6.88
CA ILE A 279 1.82 -23.97 6.70
C ILE A 279 2.77 -24.16 7.89
N ALA A 280 2.25 -24.77 8.96
CA ALA A 280 3.00 -24.95 10.19
C ALA A 280 3.77 -26.26 10.30
N SER A 281 5.03 -26.16 10.72
CA SER A 281 5.92 -27.30 10.89
C SER A 281 5.45 -28.11 12.09
N THR A 282 5.91 -29.35 12.19
CA THR A 282 5.51 -30.23 13.28
C THR A 282 5.62 -29.66 14.70
N LEU A 283 6.73 -28.99 15.00
CA LEU A 283 6.91 -28.47 16.34
C LEU A 283 6.09 -27.21 16.61
N TRP A 284 5.73 -26.47 15.56
CA TRP A 284 4.91 -25.29 15.77
C TRP A 284 3.53 -25.83 16.09
N GLU A 285 3.09 -26.79 15.27
CA GLU A 285 1.80 -27.42 15.49
C GLU A 285 1.73 -27.98 16.92
N ALA A 286 2.76 -28.71 17.31
CA ALA A 286 2.82 -29.33 18.64
C ALA A 286 2.73 -28.27 19.74
N GLY A 287 3.54 -27.23 19.65
CA GLY A 287 3.52 -26.18 20.65
C GLY A 287 2.16 -25.51 20.74
N SER A 288 1.54 -25.26 19.57
CA SER A 288 0.23 -24.63 19.54
C SER A 288 -0.85 -25.56 20.09
N ALA A 289 -0.59 -26.85 20.03
CA ALA A 289 -1.53 -27.87 20.54
C ALA A 289 -1.22 -28.13 22.02
N HIS A 290 -0.23 -27.40 22.54
CA HIS A 290 0.17 -27.48 23.95
C HIS A 290 0.96 -28.69 24.41
N LEU A 291 1.74 -29.26 23.51
CA LEU A 291 2.61 -30.38 23.84
C LEU A 291 3.94 -29.69 24.20
N THR A 292 4.73 -30.32 25.06
CA THR A 292 6.02 -29.75 25.45
C THR A 292 7.12 -30.74 25.17
N ARG A 293 8.34 -30.23 24.98
CA ARG A 293 9.48 -31.09 24.70
C ARG A 293 9.68 -32.10 25.84
N ALA A 294 9.54 -31.63 27.07
CA ALA A 294 9.72 -32.48 28.25
C ALA A 294 8.83 -33.71 28.27
N GLN A 295 7.74 -33.69 27.51
CA GLN A 295 6.83 -34.83 27.46
C GLN A 295 7.39 -35.93 26.58
N TYR A 296 8.34 -35.58 25.71
CA TYR A 296 8.93 -36.54 24.80
C TYR A 296 10.41 -36.80 25.03
N THR A 297 11.10 -35.89 25.70
CA THR A 297 12.52 -36.07 25.94
C THR A 297 13.16 -34.99 26.78
N THR A 298 14.28 -35.35 27.41
CA THR A 298 15.04 -34.42 28.24
C THR A 298 16.49 -34.49 27.78
N GLU A 299 16.70 -35.14 26.64
CA GLU A 299 18.03 -35.27 26.04
C GLU A 299 18.48 -33.87 25.66
N PRO A 300 19.78 -33.55 25.81
CA PRO A 300 20.30 -32.23 25.45
C PRO A 300 20.17 -31.97 23.95
N GLY A 301 20.43 -30.74 23.53
CA GLY A 301 20.37 -30.39 22.13
C GLY A 301 18.99 -30.31 21.53
N HIS A 302 18.93 -30.26 20.20
CA HIS A 302 17.66 -30.16 19.52
C HIS A 302 16.83 -31.43 19.68
N THR A 303 15.55 -31.32 19.43
CA THR A 303 14.64 -32.46 19.52
C THR A 303 14.93 -33.37 18.32
N PRO A 304 15.39 -34.60 18.59
CA PRO A 304 15.75 -35.61 17.58
C PRO A 304 14.65 -35.86 16.54
N ASP A 305 15.05 -35.98 15.28
CA ASP A 305 14.12 -36.24 14.19
C ASP A 305 13.27 -37.47 14.46
N SER A 306 13.81 -38.41 15.24
CA SER A 306 13.09 -39.63 15.56
C SER A 306 11.99 -39.37 16.59
N VAL A 307 12.18 -38.35 17.42
CA VAL A 307 11.19 -37.98 18.42
C VAL A 307 10.04 -37.28 17.70
N ILE A 308 10.39 -36.50 16.69
CA ILE A 308 9.40 -35.76 15.89
C ILE A 308 8.56 -36.71 15.04
N LYS A 309 9.21 -37.67 14.36
CA LYS A 309 8.50 -38.62 13.52
C LYS A 309 7.54 -39.41 14.42
N GLN A 310 7.98 -39.65 15.65
CA GLN A 310 7.17 -40.36 16.62
C GLN A 310 5.96 -39.51 17.00
N MET A 311 6.21 -38.24 17.30
CA MET A 311 5.15 -37.30 17.67
C MET A 311 4.06 -37.29 16.61
N GLN A 312 4.48 -37.25 15.35
CA GLN A 312 3.55 -37.25 14.22
C GLN A 312 2.73 -38.53 14.22
N LYS A 313 3.42 -39.63 14.48
CA LYS A 313 2.80 -40.96 14.52
C LYS A 313 1.72 -41.04 15.60
N ASP A 314 2.03 -40.50 16.78
CA ASP A 314 1.12 -40.54 17.92
C ASP A 314 0.01 -39.49 17.94
N THR A 315 0.14 -38.44 17.13
CA THR A 315 -0.87 -37.37 17.15
C THR A 315 -1.65 -37.16 15.86
N GLY A 316 -1.05 -37.53 14.74
CA GLY A 316 -1.72 -37.31 13.47
C GLY A 316 -1.21 -36.03 12.84
N MET A 317 -0.42 -35.25 13.58
CA MET A 317 0.12 -34.02 13.02
C MET A 317 1.07 -34.42 11.91
N GLY A 318 1.24 -33.55 10.91
CA GLY A 318 2.16 -33.88 9.83
C GLY A 318 3.42 -33.05 9.90
N ALA A 319 4.34 -33.27 8.97
CA ALA A 319 5.59 -32.51 8.94
C ALA A 319 5.19 -31.07 8.67
N TRP A 320 4.10 -30.92 7.92
CA TRP A 320 3.56 -29.62 7.57
C TRP A 320 2.04 -29.67 7.72
N ASN A 321 1.51 -28.66 8.41
CA ASN A 321 0.09 -28.57 8.69
C ASN A 321 -0.41 -27.24 8.16
N LEU A 322 -1.20 -27.33 7.09
CA LEU A 322 -1.73 -26.16 6.41
C LEU A 322 -3.15 -25.80 6.84
N TYR A 323 -3.34 -24.53 7.17
CA TYR A 323 -4.63 -24.00 7.59
C TYR A 323 -5.01 -22.86 6.66
N ALA A 324 -6.24 -22.90 6.15
CA ALA A 324 -6.74 -21.90 5.22
C ALA A 324 -8.25 -21.82 5.36
N ALA A 325 -8.88 -20.93 4.60
CA ALA A 325 -10.33 -20.81 4.69
C ALA A 325 -10.94 -20.19 3.44
N LEU A 326 -12.24 -20.39 3.29
CA LEU A 326 -13.01 -19.86 2.17
C LEU A 326 -14.06 -18.95 2.80
N TYR A 327 -14.47 -17.92 2.06
CA TYR A 327 -15.43 -16.94 2.54
C TYR A 327 -16.36 -16.48 1.42
N GLY A 328 -17.62 -16.19 1.77
CA GLY A 328 -18.56 -15.71 0.78
C GLY A 328 -19.93 -16.34 0.96
N THR A 329 -20.72 -16.40 -0.10
CA THR A 329 -22.04 -17.04 -0.01
C THR A 329 -21.79 -18.54 -0.08
N GLN A 330 -22.81 -19.33 0.23
CA GLN A 330 -22.63 -20.78 0.19
C GLN A 330 -22.19 -21.22 -1.18
N GLU A 331 -22.79 -20.63 -2.22
CA GLU A 331 -22.45 -20.99 -3.59
C GLU A 331 -21.01 -20.67 -3.95
N GLN A 332 -20.54 -19.50 -3.52
CA GLN A 332 -19.16 -19.13 -3.82
C GLN A 332 -18.22 -20.09 -3.12
N VAL A 333 -18.51 -20.40 -1.86
CA VAL A 333 -17.69 -21.31 -1.07
C VAL A 333 -17.64 -22.72 -1.68
N ASP A 334 -18.79 -23.21 -2.13
CA ASP A 334 -18.85 -24.54 -2.74
C ASP A 334 -18.02 -24.60 -4.02
N VAL A 335 -18.17 -23.60 -4.90
CA VAL A 335 -17.41 -23.59 -6.13
C VAL A 335 -15.92 -23.60 -5.83
N ASN A 336 -15.49 -22.75 -4.89
CA ASN A 336 -14.06 -22.70 -4.55
C ASN A 336 -13.58 -23.95 -3.81
N TRP A 337 -14.44 -24.57 -3.02
CA TRP A 337 -14.05 -25.78 -2.30
C TRP A 337 -13.72 -26.90 -3.30
N LYS A 338 -14.50 -26.97 -4.37
CA LYS A 338 -14.29 -27.98 -5.41
C LYS A 338 -12.92 -27.75 -6.05
N ILE A 339 -12.60 -26.49 -6.34
CA ILE A 339 -11.32 -26.15 -6.94
C ILE A 339 -10.16 -26.53 -6.03
N VAL A 340 -10.29 -26.21 -4.74
CA VAL A 340 -9.24 -26.52 -3.77
C VAL A 340 -9.06 -28.02 -3.59
N THR A 341 -10.15 -28.73 -3.33
CA THR A 341 -10.03 -30.16 -3.15
C THR A 341 -9.49 -30.82 -4.42
N ASP A 342 -9.84 -30.29 -5.59
CA ASP A 342 -9.33 -30.87 -6.83
C ASP A 342 -7.83 -30.71 -6.92
N VAL A 343 -7.33 -29.56 -6.50
CA VAL A 343 -5.89 -29.31 -6.54
C VAL A 343 -5.13 -30.31 -5.67
N PHE A 344 -5.60 -30.53 -4.46
CA PHE A 344 -4.93 -31.47 -3.58
C PHE A 344 -5.10 -32.93 -3.97
N LYS A 345 -6.21 -33.26 -4.60
CA LYS A 345 -6.41 -34.64 -5.04
C LYS A 345 -5.46 -34.90 -6.20
N LYS A 346 -5.30 -33.92 -7.07
CA LYS A 346 -4.39 -34.06 -8.20
C LYS A 346 -2.96 -34.11 -7.72
N LEU A 347 -2.69 -33.43 -6.61
CA LEU A 347 -1.34 -33.40 -6.05
C LEU A 347 -0.96 -34.80 -5.60
N GLY A 348 -1.94 -35.54 -5.09
CA GLY A 348 -1.68 -36.89 -4.64
C GLY A 348 -1.09 -36.97 -3.25
N LYS A 349 -1.07 -35.82 -2.57
CA LYS A 349 -0.55 -35.73 -1.20
C LYS A 349 -1.45 -34.82 -0.39
N GLY A 350 -1.50 -35.06 0.91
CA GLY A 350 -2.29 -34.22 1.80
C GLY A 350 -3.63 -34.77 2.21
N ARG A 351 -3.83 -34.85 3.52
CA ARG A 351 -5.08 -35.33 4.08
C ARG A 351 -5.89 -34.09 4.43
N ILE A 352 -7.04 -33.93 3.78
CA ILE A 352 -7.90 -32.78 4.02
C ILE A 352 -8.74 -32.99 5.27
N VAL A 353 -8.77 -31.98 6.14
CA VAL A 353 -9.55 -32.06 7.37
C VAL A 353 -10.52 -30.89 7.39
N THR A 354 -11.81 -31.20 7.48
CA THR A 354 -12.85 -30.19 7.49
C THR A 354 -13.23 -29.85 8.92
N GLN A 355 -14.00 -28.79 9.09
CA GLN A 355 -14.42 -28.39 10.42
C GLN A 355 -15.29 -29.47 11.07
N GLU A 356 -16.14 -30.11 10.28
CA GLU A 356 -17.03 -31.15 10.78
C GLU A 356 -16.23 -32.30 11.37
N GLU A 357 -15.12 -32.64 10.72
CA GLU A 357 -14.25 -33.71 11.18
C GLU A 357 -13.42 -33.26 12.37
N ALA A 358 -12.77 -32.12 12.23
CA ALA A 358 -11.92 -31.56 13.27
C ALA A 358 -12.67 -31.34 14.57
N GLY A 359 -13.92 -30.91 14.45
CA GLY A 359 -14.72 -30.67 15.64
C GLY A 359 -14.21 -29.49 16.44
N ASP A 360 -14.26 -29.63 17.77
CA ASP A 360 -13.83 -28.58 18.66
C ASP A 360 -12.40 -28.85 19.14
N THR A 361 -11.67 -29.65 18.39
CA THR A 361 -10.30 -29.99 18.76
C THR A 361 -9.26 -28.93 18.39
N GLN A 362 -8.16 -28.94 19.12
CA GLN A 362 -7.07 -28.01 18.88
C GLN A 362 -5.97 -28.79 18.18
N PRO A 363 -5.15 -28.11 17.37
CA PRO A 363 -5.21 -26.67 17.13
C PRO A 363 -6.18 -26.16 16.05
N PHE A 364 -7.01 -27.03 15.48
CA PHE A 364 -7.95 -26.60 14.44
C PHE A 364 -8.85 -25.45 14.91
N LYS A 365 -9.36 -25.57 16.14
CA LYS A 365 -10.24 -24.55 16.70
C LYS A 365 -9.63 -23.15 16.75
N TYR A 366 -8.44 -23.02 17.34
CA TYR A 366 -7.83 -21.69 17.42
C TYR A 366 -7.49 -21.16 16.03
N ARG A 367 -7.11 -22.04 15.10
CA ARG A 367 -6.80 -21.59 13.74
C ARG A 367 -8.07 -21.05 13.07
N ALA A 368 -9.16 -21.80 13.19
CA ALA A 368 -10.43 -21.39 12.61
C ALA A 368 -10.86 -20.04 13.19
N GLN A 369 -10.63 -19.84 14.49
CA GLN A 369 -11.00 -18.58 15.12
C GLN A 369 -10.13 -17.45 14.61
N LEU A 370 -8.82 -17.65 14.52
CA LEU A 370 -7.95 -16.58 14.03
C LEU A 370 -8.31 -16.20 12.59
N MET A 371 -8.64 -17.21 11.78
CA MET A 371 -9.01 -16.96 10.40
C MET A 371 -10.39 -16.29 10.23
N SER A 372 -11.15 -16.19 11.32
CA SER A 372 -12.45 -15.54 11.26
C SER A 372 -12.55 -14.35 12.22
N GLY A 373 -11.41 -13.92 12.74
CA GLY A 373 -11.39 -12.79 13.64
C GLY A 373 -11.95 -13.01 15.04
N VAL A 374 -11.85 -14.23 15.55
CA VAL A 374 -12.32 -14.54 16.89
C VAL A 374 -11.03 -14.66 17.71
N PRO A 375 -10.89 -13.84 18.76
CA PRO A 375 -9.66 -13.89 19.57
C PRO A 375 -9.46 -15.09 20.50
N ASN A 376 -8.20 -15.42 20.70
CA ASN A 376 -7.80 -16.50 21.60
C ASN A 376 -6.28 -16.41 21.71
N LEU A 377 -5.71 -16.95 22.79
CA LEU A 377 -4.27 -16.91 22.97
C LEU A 377 -3.69 -18.32 22.96
N GLN A 378 -4.40 -19.24 22.31
CA GLN A 378 -3.96 -20.63 22.23
C GLN A 378 -2.51 -20.80 21.80
N GLU A 379 -2.06 -20.02 20.83
CA GLU A 379 -0.72 -20.17 20.32
C GLU A 379 0.42 -19.84 21.30
N PHE A 380 0.09 -19.21 22.43
CA PHE A 380 1.12 -18.93 23.41
C PHE A 380 1.67 -20.24 23.97
N GLY A 381 1.07 -21.35 23.57
CA GLY A 381 1.59 -22.65 23.97
C GLY A 381 3.01 -22.80 23.44
N LEU A 382 3.35 -22.04 22.39
CA LEU A 382 4.70 -22.08 21.85
C LEU A 382 5.74 -21.80 22.94
N TYR A 383 5.40 -20.93 23.89
CA TYR A 383 6.34 -20.58 24.94
C TYR A 383 6.48 -21.64 26.01
N ASN A 384 5.70 -22.70 25.89
CA ASN A 384 5.79 -23.81 26.85
C ASN A 384 6.61 -24.95 26.24
N TRP A 385 6.92 -24.87 24.94
CA TRP A 385 7.70 -25.94 24.30
C TRP A 385 8.98 -26.21 25.10
N ARG A 386 9.73 -25.17 25.41
CA ARG A 386 10.93 -25.29 26.21
C ARG A 386 10.78 -24.43 27.47
N GLY A 387 9.84 -23.48 27.45
CA GLY A 387 9.61 -22.61 28.59
C GLY A 387 10.79 -21.70 28.93
N GLY A 388 10.76 -21.12 30.13
CA GLY A 388 11.85 -20.27 30.57
C GLY A 388 11.82 -18.81 30.13
N GLY A 389 10.85 -18.45 29.30
CA GLY A 389 10.73 -17.06 28.86
C GLY A 389 11.61 -16.65 27.69
N GLY A 390 12.23 -17.59 26.99
CA GLY A 390 13.07 -17.20 25.88
C GLY A 390 12.45 -17.38 24.52
N SER A 391 12.31 -16.28 23.78
CA SER A 391 11.72 -16.34 22.46
C SER A 391 12.04 -15.13 21.61
N MET A 392 12.55 -15.38 20.40
CA MET A 392 12.85 -14.32 19.43
C MET A 392 12.31 -14.77 18.08
N TRP A 393 11.63 -13.86 17.38
CA TRP A 393 11.11 -14.17 16.05
C TRP A 393 12.18 -13.92 15.01
N PHE A 394 12.51 -14.95 14.23
CA PHE A 394 13.45 -14.80 13.13
C PHE A 394 12.52 -14.96 11.94
N ALA A 395 12.26 -13.85 11.24
CA ALA A 395 11.28 -13.89 10.17
C ALA A 395 11.74 -13.44 8.79
N PRO A 396 12.50 -14.29 8.09
CA PRO A 396 12.98 -13.96 6.75
C PRO A 396 11.83 -13.93 5.75
N VAL A 397 11.97 -13.09 4.74
CA VAL A 397 10.99 -12.97 3.68
C VAL A 397 11.42 -13.96 2.60
N SER A 398 10.46 -14.56 1.90
CA SER A 398 10.80 -15.50 0.84
C SER A 398 9.80 -15.45 -0.30
N GLU A 399 10.24 -15.88 -1.48
CA GLU A 399 9.35 -16.00 -2.63
C GLU A 399 8.42 -17.15 -2.22
N ALA A 400 7.16 -17.10 -2.63
CA ALA A 400 6.24 -18.19 -2.34
C ALA A 400 6.50 -19.23 -3.43
N ARG A 401 7.73 -19.75 -3.43
CA ARG A 401 8.15 -20.76 -4.40
C ARG A 401 8.62 -21.94 -3.57
N GLY A 402 8.16 -23.16 -3.90
CA GLY A 402 8.54 -24.35 -3.14
C GLY A 402 10.01 -24.56 -2.85
N SER A 403 10.86 -24.37 -3.86
CA SER A 403 12.30 -24.58 -3.69
C SER A 403 12.92 -23.60 -2.71
N GLU A 404 12.45 -22.35 -2.74
CA GLU A 404 12.95 -21.31 -1.85
C GLU A 404 12.60 -21.62 -0.41
N CYS A 405 11.35 -22.01 -0.20
CA CYS A 405 10.89 -22.31 1.15
C CYS A 405 11.64 -23.53 1.71
N LYS A 406 11.93 -24.51 0.86
CA LYS A 406 12.67 -25.70 1.29
C LYS A 406 14.10 -25.33 1.67
N LYS A 407 14.71 -24.47 0.85
CA LYS A 407 16.08 -24.02 1.09
C LYS A 407 16.20 -23.28 2.43
N GLN A 408 15.27 -22.36 2.67
CA GLN A 408 15.28 -21.59 3.91
C GLN A 408 15.09 -22.48 5.13
N ALA A 409 14.18 -23.45 5.04
CA ALA A 409 13.92 -24.35 6.16
C ALA A 409 15.17 -25.15 6.50
N ALA A 410 15.89 -25.61 5.48
CA ALA A 410 17.10 -26.40 5.70
C ALA A 410 18.21 -25.54 6.34
N MET A 411 18.34 -24.32 5.87
N MET A 411 18.36 -24.31 5.88
CA MET A 411 19.34 -23.38 6.38
CA MET A 411 19.39 -23.43 6.42
C MET A 411 19.09 -23.06 7.86
C MET A 411 19.09 -23.06 7.88
N ALA A 412 17.83 -22.81 8.19
CA ALA A 412 17.45 -22.47 9.56
C ALA A 412 17.70 -23.67 10.48
N LYS A 413 17.20 -24.82 10.06
CA LYS A 413 17.35 -26.04 10.83
C LYS A 413 18.83 -26.33 11.14
N ARG A 414 19.72 -26.11 10.17
CA ARG A 414 21.16 -26.34 10.39
C ARG A 414 21.73 -25.43 11.49
N VAL A 415 21.40 -24.16 11.41
CA VAL A 415 21.89 -23.20 12.39
C VAL A 415 21.27 -23.41 13.76
N LEU A 416 19.97 -23.68 13.79
CA LEU A 416 19.30 -23.90 15.06
C LEU A 416 19.90 -25.14 15.76
N HIS A 417 20.07 -26.22 15.00
CA HIS A 417 20.62 -27.44 15.59
C HIS A 417 22.05 -27.27 16.09
N LYS A 418 22.84 -26.47 15.38
CA LYS A 418 24.21 -26.22 15.79
C LYS A 418 24.20 -25.71 17.23
N TYR A 419 23.21 -24.89 17.57
CA TYR A 419 23.13 -24.32 18.91
C TYR A 419 22.22 -25.05 19.88
N GLY A 420 21.83 -26.26 19.50
CA GLY A 420 20.97 -27.07 20.35
C GLY A 420 19.51 -26.67 20.45
N LEU A 421 19.04 -25.89 19.48
CA LEU A 421 17.65 -25.42 19.47
C LEU A 421 16.85 -26.02 18.33
N ASP A 422 15.54 -25.86 18.40
CA ASP A 422 14.63 -26.45 17.43
C ASP A 422 14.12 -25.57 16.32
N TYR A 423 13.77 -26.22 15.21
CA TYR A 423 13.18 -25.55 14.05
C TYR A 423 11.68 -25.58 14.37
N VAL A 424 11.15 -24.43 14.78
CA VAL A 424 9.75 -24.28 15.12
C VAL A 424 9.32 -23.17 14.19
N ALA A 425 8.60 -23.51 13.13
CA ALA A 425 8.24 -22.50 12.15
C ALA A 425 6.95 -22.72 11.38
N GLU A 426 6.59 -21.67 10.64
CA GLU A 426 5.42 -21.68 9.78
C GLU A 426 5.61 -20.64 8.68
N PHE A 427 5.02 -20.90 7.52
CA PHE A 427 5.07 -19.97 6.40
C PHE A 427 3.73 -19.25 6.37
N ILE A 428 3.72 -17.92 6.47
CA ILE A 428 2.48 -17.15 6.38
C ILE A 428 2.46 -16.75 4.91
N VAL A 429 1.49 -17.32 4.19
CA VAL A 429 1.39 -17.15 2.74
C VAL A 429 0.53 -16.09 2.08
N ALA A 430 1.22 -15.23 1.33
CA ALA A 430 0.60 -14.17 0.56
C ALA A 430 0.64 -14.72 -0.88
N PRO A 431 0.05 -14.00 -1.84
CA PRO A 431 0.10 -14.54 -3.19
C PRO A 431 1.52 -14.77 -3.72
N ARG A 432 2.42 -13.84 -3.45
CA ARG A 432 3.78 -13.97 -3.97
C ARG A 432 4.86 -14.11 -2.92
N ASP A 433 4.58 -13.66 -1.69
CA ASP A 433 5.59 -13.74 -0.63
C ASP A 433 5.20 -14.64 0.52
N MET A 434 6.21 -14.98 1.31
CA MET A 434 6.07 -15.77 2.51
C MET A 434 6.70 -15.00 3.66
N HIS A 435 6.01 -14.91 4.79
CA HIS A 435 6.66 -14.34 5.96
C HIS A 435 7.07 -15.72 6.53
N HIS A 436 8.35 -16.08 6.44
CA HIS A 436 8.82 -17.37 6.96
C HIS A 436 9.11 -17.11 8.45
N VAL A 437 8.13 -17.42 9.30
CA VAL A 437 8.24 -17.15 10.73
C VAL A 437 8.84 -18.30 11.55
N ILE A 438 10.01 -18.04 12.14
CA ILE A 438 10.71 -19.04 12.93
C ILE A 438 10.79 -18.56 14.38
N ASP A 439 10.23 -19.34 15.29
CA ASP A 439 10.28 -18.97 16.71
C ASP A 439 11.53 -19.59 17.32
N VAL A 440 12.51 -18.76 17.63
CA VAL A 440 13.75 -19.21 18.23
C VAL A 440 13.45 -19.30 19.73
N LEU A 441 13.16 -20.51 20.18
CA LEU A 441 12.77 -20.78 21.57
C LEU A 441 13.89 -21.36 22.41
N TYR A 442 14.07 -20.83 23.62
CA TYR A 442 15.12 -21.26 24.51
C TYR A 442 14.73 -20.92 25.94
N ASP A 443 15.41 -21.56 26.89
CA ASP A 443 15.16 -21.33 28.32
C ASP A 443 16.02 -20.16 28.77
N ARG A 444 15.40 -19.00 28.88
CA ARG A 444 16.10 -17.78 29.26
C ARG A 444 16.59 -17.80 30.72
N THR A 445 16.13 -18.77 31.52
CA THR A 445 16.61 -18.85 32.91
C THR A 445 17.94 -19.59 32.94
N ASN A 446 18.31 -20.17 31.79
CA ASN A 446 19.57 -20.93 31.67
C ASN A 446 20.61 -20.03 30.96
N PRO A 447 21.60 -19.53 31.71
CA PRO A 447 22.65 -18.65 31.18
C PRO A 447 23.33 -19.17 29.91
N GLU A 448 23.75 -20.42 29.96
CA GLU A 448 24.45 -21.05 28.86
C GLU A 448 23.56 -21.17 27.61
N GLU A 449 22.33 -21.62 27.79
CA GLU A 449 21.42 -21.74 26.65
C GLU A 449 21.08 -20.34 26.10
N THR A 450 20.98 -19.36 26.99
CA THR A 450 20.69 -17.99 26.58
C THR A 450 21.83 -17.45 25.70
N LYS A 451 23.07 -17.73 26.07
CA LYS A 451 24.19 -17.29 25.25
C LYS A 451 24.11 -17.97 23.88
N ARG A 452 23.75 -19.25 23.88
CA ARG A 452 23.62 -19.99 22.62
C ARG A 452 22.52 -19.39 21.73
N ALA A 453 21.40 -18.98 22.33
CA ALA A 453 20.30 -18.41 21.57
C ALA A 453 20.70 -17.08 20.94
N ASP A 454 21.50 -16.30 21.67
CA ASP A 454 21.96 -15.01 21.17
C ASP A 454 22.89 -15.25 19.98
N ALA A 455 23.79 -16.22 20.12
CA ALA A 455 24.73 -16.53 19.04
C ALA A 455 23.99 -17.12 17.84
N CYS A 456 23.00 -17.95 18.14
CA CYS A 456 22.18 -18.56 17.10
C CYS A 456 21.45 -17.51 16.25
N PHE A 457 20.81 -16.54 16.90
CA PHE A 457 20.06 -15.51 16.17
C PHE A 457 21.02 -14.72 15.29
N ASN A 458 22.18 -14.39 15.82
N ASN A 458 22.18 -14.40 15.82
CA ASN A 458 23.21 -13.67 15.08
CA ASN A 458 23.19 -13.67 15.07
C ASN A 458 23.61 -14.46 13.84
C ASN A 458 23.59 -14.47 13.83
N GLU A 459 23.80 -15.77 14.01
CA GLU A 459 24.20 -16.62 12.89
C GLU A 459 23.07 -16.82 11.87
N LEU A 460 21.82 -16.86 12.34
CA LEU A 460 20.70 -17.00 11.42
C LEU A 460 20.68 -15.76 10.52
N LEU A 461 20.88 -14.59 11.10
CA LEU A 461 20.89 -13.37 10.30
C LEU A 461 22.05 -13.39 9.29
N ASP A 462 23.24 -13.78 9.75
CA ASP A 462 24.43 -13.84 8.90
C ASP A 462 24.26 -14.82 7.74
N GLU A 463 23.87 -16.05 8.07
CA GLU A 463 23.71 -17.09 7.08
C GLU A 463 22.61 -16.79 6.07
N PHE A 464 21.50 -16.23 6.51
CA PHE A 464 20.45 -15.90 5.57
C PHE A 464 20.85 -14.72 4.70
N GLU A 465 21.54 -13.76 5.29
CA GLU A 465 22.01 -12.60 4.55
C GLU A 465 22.97 -13.01 3.41
N LYS A 466 23.76 -14.05 3.65
CA LYS A 466 24.71 -14.57 2.64
C LYS A 466 23.99 -15.11 1.42
N GLU A 467 22.75 -15.54 1.62
CA GLU A 467 21.96 -16.06 0.51
C GLU A 467 20.98 -15.02 -0.01
N GLY A 468 21.20 -13.76 0.37
CA GLY A 468 20.34 -12.67 -0.07
C GLY A 468 18.98 -12.59 0.62
N TYR A 469 18.88 -13.10 1.85
CA TYR A 469 17.63 -13.06 2.59
C TYR A 469 17.75 -12.13 3.79
N ALA A 470 16.72 -11.34 4.05
CA ALA A 470 16.72 -10.43 5.20
C ALA A 470 15.34 -10.56 5.88
N VAL A 471 15.26 -10.17 7.15
CA VAL A 471 13.99 -10.26 7.88
C VAL A 471 13.15 -8.98 7.71
N TYR A 472 11.83 -9.13 7.87
CA TYR A 472 10.91 -8.01 7.68
C TYR A 472 10.66 -7.23 8.97
N ARG A 473 11.14 -7.75 10.09
CA ARG A 473 10.87 -7.15 11.38
C ARG A 473 11.79 -7.87 12.37
N VAL A 474 12.23 -7.20 13.43
CA VAL A 474 13.12 -7.88 14.37
C VAL A 474 13.11 -7.26 15.78
N ASN A 475 13.50 -8.05 16.78
CA ASN A 475 13.52 -7.54 18.16
C ASN A 475 14.52 -6.38 18.32
N THR A 476 14.32 -5.60 19.37
CA THR A 476 15.14 -4.42 19.65
C THR A 476 16.64 -4.64 19.80
N ARG A 477 17.06 -5.82 20.25
CA ARG A 477 18.49 -6.11 20.39
C ARG A 477 19.18 -6.21 19.03
N PHE A 478 18.41 -6.47 17.97
CA PHE A 478 19.00 -6.63 16.64
C PHE A 478 18.55 -5.65 15.58
N GLN A 479 17.83 -4.60 15.97
CA GLN A 479 17.33 -3.65 14.98
C GLN A 479 18.42 -2.90 14.22
N ASP A 480 19.56 -2.67 14.85
CA ASP A 480 20.64 -1.99 14.17
C ASP A 480 21.32 -2.99 13.22
N ARG A 481 21.52 -4.22 13.70
CA ARG A 481 22.14 -5.26 12.89
C ARG A 481 21.33 -5.52 11.62
N VAL A 482 20.00 -5.59 11.75
CA VAL A 482 19.15 -5.83 10.59
C VAL A 482 19.13 -4.64 9.62
N ALA A 483 19.24 -3.42 10.15
CA ALA A 483 19.27 -2.24 9.27
C ALA A 483 20.46 -2.37 8.31
N GLN A 484 21.55 -2.95 8.82
CA GLN A 484 22.76 -3.16 8.00
C GLN A 484 22.50 -4.05 6.79
N SER A 485 21.55 -4.97 6.93
CA SER A 485 21.22 -5.89 5.85
C SER A 485 20.74 -5.18 4.58
N TYR A 486 20.14 -4.01 4.75
CA TYR A 486 19.56 -3.28 3.63
C TYR A 486 20.44 -2.22 2.97
N GLY A 487 21.69 -2.14 3.42
CA GLY A 487 22.63 -1.23 2.78
C GLY A 487 22.78 0.18 3.29
N PRO A 488 23.95 0.78 3.05
CA PRO A 488 24.27 2.15 3.47
C PRO A 488 23.45 3.28 2.82
N VAL A 489 23.12 3.17 1.54
CA VAL A 489 22.37 4.26 0.91
C VAL A 489 21.04 4.44 1.60
N LYS A 490 20.36 3.34 1.88
CA LYS A 490 19.08 3.38 2.56
C LYS A 490 19.22 4.03 3.93
N ARG A 491 20.22 3.59 4.69
CA ARG A 491 20.41 4.14 6.03
C ARG A 491 20.75 5.61 6.00
N LYS A 492 21.53 6.02 5.02
CA LYS A 492 21.90 7.43 4.89
C LYS A 492 20.64 8.27 4.65
N LEU A 493 19.78 7.79 3.75
CA LEU A 493 18.53 8.49 3.45
C LEU A 493 17.66 8.57 4.70
N GLU A 494 17.60 7.46 5.43
CA GLU A 494 16.80 7.41 6.64
C GLU A 494 17.29 8.40 7.70
N HIS A 495 18.61 8.60 7.77
CA HIS A 495 19.15 9.53 8.75
C HIS A 495 18.98 11.00 8.31
N ALA A 496 18.96 11.24 7.01
CA ALA A 496 18.72 12.60 6.51
C ALA A 496 17.28 12.98 6.87
N ILE A 497 16.34 12.07 6.67
CA ILE A 497 14.95 12.34 7.01
C ILE A 497 14.84 12.55 8.53
N LYS A 498 15.55 11.71 9.29
CA LYS A 498 15.54 11.78 10.76
C LYS A 498 15.98 13.17 11.24
N ARG A 499 17.08 13.64 10.69
CA ARG A 499 17.64 14.94 11.02
C ARG A 499 16.63 16.05 10.69
N ALA A 500 15.92 15.89 9.58
CA ALA A 500 14.94 16.88 9.17
C ALA A 500 13.69 16.92 10.04
N VAL A 501 13.18 15.77 10.48
CA VAL A 501 11.96 15.77 11.28
C VAL A 501 12.14 15.64 12.78
N ASP A 502 13.36 15.37 13.22
CA ASP A 502 13.67 15.18 14.65
C ASP A 502 15.12 15.57 14.89
N PRO A 503 15.46 16.85 14.68
CA PRO A 503 16.84 17.31 14.87
C PRO A 503 17.46 16.99 16.22
N ASN A 504 16.63 16.96 17.27
CA ASN A 504 17.16 16.64 18.59
C ASN A 504 17.27 15.16 18.90
N ASN A 505 16.89 14.30 17.96
CA ASN A 505 17.00 12.85 18.14
C ASN A 505 16.24 12.34 19.37
N ILE A 506 15.07 12.92 19.65
CA ILE A 506 14.29 12.51 20.81
C ILE A 506 13.31 11.36 20.56
N LEU A 507 12.97 11.08 19.31
CA LEU A 507 12.04 9.99 19.07
C LEU A 507 12.70 8.66 18.86
N ALA A 508 12.58 7.81 19.88
CA ALA A 508 13.09 6.44 19.87
C ALA A 508 14.36 6.24 19.07
N PRO A 509 15.43 6.94 19.42
CA PRO A 509 16.66 6.72 18.64
C PRO A 509 17.10 5.27 18.75
N GLY A 510 17.40 4.65 17.61
CA GLY A 510 17.81 3.25 17.60
C GLY A 510 16.76 2.38 16.92
N ARG A 511 15.53 2.89 16.85
CA ARG A 511 14.42 2.17 16.20
C ARG A 511 14.84 1.92 14.76
N SER A 512 14.82 0.65 14.34
CA SER A 512 15.21 0.28 12.99
C SER A 512 16.61 0.78 12.62
N GLY A 513 17.46 0.95 13.62
CA GLY A 513 18.81 1.44 13.37
C GLY A 513 18.89 2.90 12.96
N ILE A 514 17.85 3.67 13.25
CA ILE A 514 17.87 5.10 12.92
C ILE A 514 18.18 5.89 14.20
N ASP A 515 19.36 6.49 14.23
CA ASP A 515 19.82 7.18 15.45
C ASP A 515 20.80 8.25 14.99
N LEU A 516 20.51 9.51 15.30
CA LEU A 516 21.41 10.59 14.85
C LEU A 516 22.81 10.48 15.42
N ASN A 517 23.01 9.60 16.40
CA ASN A 517 24.34 9.38 16.94
C ASN A 517 25.15 8.52 15.97
N ASN A 518 24.48 7.93 14.97
CA ASN A 518 25.17 7.10 13.98
C ASN A 518 25.94 7.99 13.00
N ASP A 519 26.94 7.41 12.34
CA ASP A 519 27.71 8.14 11.35
C ASP A 519 27.07 7.90 10.00
N PHE A 520 25.90 8.51 9.79
CA PHE A 520 25.16 8.37 8.53
C PHE A 520 24.61 9.73 8.14
N SER B 2 -14.40 1.55 37.20
CA SER B 2 -13.27 0.57 37.39
C SER B 2 -12.63 0.33 36.03
N GLN B 3 -11.34 0.00 36.03
CA GLN B 3 -10.64 -0.24 34.78
C GLN B 3 -11.20 -1.46 34.04
N TRP B 4 -11.60 -2.49 34.79
CA TRP B 4 -12.15 -3.69 34.18
C TRP B 4 -13.56 -4.01 34.68
N GLY B 5 -14.08 -3.18 35.58
CA GLY B 5 -15.42 -3.40 36.10
C GLY B 5 -15.48 -4.43 37.21
N SER B 6 -14.95 -5.63 36.96
CA SER B 6 -14.96 -6.70 37.95
C SER B 6 -13.81 -7.67 37.73
N GLY B 7 -13.52 -8.48 38.75
CA GLY B 7 -12.45 -9.45 38.65
C GLY B 7 -12.79 -10.48 37.57
N LYS B 8 -14.07 -10.86 37.49
CA LYS B 8 -14.48 -11.83 36.48
C LYS B 8 -14.29 -11.28 35.07
N ASN B 9 -14.56 -10.01 34.87
CA ASN B 9 -14.40 -9.45 33.53
C ASN B 9 -12.92 -9.41 33.15
N LEU B 10 -12.05 -9.06 34.09
CA LEU B 10 -10.61 -9.03 33.79
C LEU B 10 -10.18 -10.44 33.40
N TYR B 11 -10.66 -11.42 34.17
CA TYR B 11 -10.32 -12.81 33.91
C TYR B 11 -10.81 -13.25 32.54
N ASP B 12 -12.05 -12.91 32.19
CA ASP B 12 -12.61 -13.28 30.89
C ASP B 12 -11.92 -12.61 29.71
N LYS B 13 -11.56 -11.34 29.87
CA LYS B 13 -10.95 -10.57 28.78
C LYS B 13 -9.44 -10.67 28.66
N VAL B 14 -8.76 -11.07 29.72
CA VAL B 14 -7.31 -11.17 29.70
C VAL B 14 -6.75 -12.50 30.20
N CYS B 15 -6.64 -12.64 31.51
CA CYS B 15 -6.07 -13.84 32.13
C CYS B 15 -6.62 -15.18 31.66
N GLY B 16 -7.94 -15.26 31.52
CA GLY B 16 -8.58 -16.51 31.11
C GLY B 16 -8.21 -17.06 29.74
N HIS B 17 -7.83 -16.17 28.82
CA HIS B 17 -7.43 -16.59 27.47
C HIS B 17 -6.24 -17.52 27.53
N CYS B 18 -5.55 -17.52 28.67
CA CYS B 18 -4.41 -18.40 28.86
C CYS B 18 -4.62 -19.37 30.00
N HIS B 19 -5.25 -18.89 31.07
CA HIS B 19 -5.45 -19.68 32.27
C HIS B 19 -6.70 -20.55 32.42
N LYS B 20 -7.77 -20.29 31.66
CA LYS B 20 -8.95 -21.14 31.82
C LYS B 20 -8.56 -22.59 31.58
N PRO B 21 -9.14 -23.53 32.35
CA PRO B 21 -8.85 -24.96 32.21
C PRO B 21 -8.84 -25.49 30.77
N GLU B 22 -9.86 -25.12 30.00
CA GLU B 22 -9.92 -25.60 28.62
C GLU B 22 -8.81 -25.07 27.72
N VAL B 23 -8.16 -23.96 28.10
CA VAL B 23 -7.07 -23.42 27.29
C VAL B 23 -5.76 -24.12 27.64
N GLY B 24 -5.33 -23.98 28.89
CA GLY B 24 -4.12 -24.64 29.33
C GLY B 24 -2.78 -24.03 28.98
N VAL B 25 -2.75 -22.74 28.60
CA VAL B 25 -1.46 -22.11 28.31
C VAL B 25 -0.75 -21.87 29.64
N GLY B 26 -1.51 -21.42 30.62
CA GLY B 26 -0.96 -21.17 31.94
C GLY B 26 -1.65 -22.09 32.92
N PRO B 27 -1.11 -22.26 34.13
CA PRO B 27 -1.74 -23.15 35.12
C PRO B 27 -3.12 -22.67 35.60
N VAL B 28 -3.91 -23.60 36.11
CA VAL B 28 -5.24 -23.27 36.62
C VAL B 28 -5.08 -22.36 37.85
N LEU B 29 -5.87 -21.30 37.90
CA LEU B 29 -5.82 -20.36 39.02
C LEU B 29 -7.13 -20.39 39.80
N GLU B 30 -8.16 -20.98 39.18
CA GLU B 30 -9.50 -21.04 39.79
C GLU B 30 -9.53 -21.89 41.05
N GLY B 31 -10.03 -21.29 42.13
CA GLY B 31 -10.14 -21.98 43.41
C GLY B 31 -8.84 -22.49 43.99
N ARG B 32 -7.73 -21.79 43.70
CA ARG B 32 -6.42 -22.20 44.17
C ARG B 32 -5.95 -21.47 45.42
N GLY B 33 -6.79 -20.57 45.93
CA GLY B 33 -6.42 -19.82 47.11
C GLY B 33 -5.15 -19.00 46.95
N LEU B 34 -4.85 -18.57 45.73
CA LEU B 34 -3.66 -17.76 45.48
C LEU B 34 -3.80 -16.37 46.12
N PRO B 35 -2.84 -15.98 46.97
CA PRO B 35 -2.89 -14.67 47.65
C PRO B 35 -2.81 -13.51 46.68
N GLU B 36 -3.51 -12.43 47.00
CA GLU B 36 -3.48 -11.24 46.17
C GLU B 36 -2.04 -10.75 45.94
N ALA B 37 -1.22 -10.80 46.99
CA ALA B 37 0.17 -10.35 46.89
C ALA B 37 0.94 -11.12 45.83
N TYR B 38 0.72 -12.43 45.77
CA TYR B 38 1.39 -13.29 44.78
C TYR B 38 0.92 -12.97 43.36
N ILE B 39 -0.39 -12.81 43.19
CA ILE B 39 -0.94 -12.48 41.88
C ILE B 39 -0.38 -11.13 41.38
N LYS B 40 -0.34 -10.11 42.24
CA LYS B 40 0.19 -8.82 41.84
C LYS B 40 1.66 -8.95 41.45
N ASP B 41 2.42 -9.71 42.23
CA ASP B 41 3.84 -9.92 41.93
C ASP B 41 4.03 -10.59 40.58
N ILE B 42 3.27 -11.64 40.31
CA ILE B 42 3.40 -12.37 39.04
C ILE B 42 3.00 -11.49 37.85
N VAL B 43 1.91 -10.73 38.00
CA VAL B 43 1.45 -9.88 36.91
C VAL B 43 2.40 -8.70 36.65
N ARG B 44 2.91 -8.08 37.71
CA ARG B 44 3.80 -6.93 37.55
C ARG B 44 5.20 -7.29 37.04
N ASN B 45 5.71 -8.43 37.50
CA ASN B 45 7.06 -8.85 37.08
C ASN B 45 7.05 -9.72 35.84
N GLY B 46 5.95 -10.43 35.63
CA GLY B 46 5.85 -11.36 34.53
C GLY B 46 6.50 -12.60 35.13
N PHE B 47 6.41 -13.75 34.47
CA PHE B 47 7.04 -14.95 35.03
C PHE B 47 7.36 -15.95 33.94
N ARG B 48 8.62 -15.97 33.55
CA ARG B 48 9.08 -16.88 32.52
C ARG B 48 8.21 -16.77 31.27
N ALA B 49 7.47 -17.81 30.92
CA ALA B 49 6.63 -17.75 29.72
C ALA B 49 5.52 -16.72 29.81
N MET B 50 5.13 -16.36 31.02
CA MET B 50 4.08 -15.37 31.19
C MET B 50 4.54 -13.93 31.10
N PRO B 51 3.86 -13.13 30.28
CA PRO B 51 4.21 -11.71 30.11
C PRO B 51 3.84 -10.89 31.35
N ALA B 52 4.40 -9.69 31.44
CA ALA B 52 4.10 -8.79 32.55
C ALA B 52 3.08 -7.80 32.00
N PHE B 53 2.32 -7.19 32.90
CA PHE B 53 1.35 -6.19 32.52
C PHE B 53 1.52 -4.93 33.34
N PRO B 54 1.75 -3.78 32.69
CA PRO B 54 1.92 -2.53 33.42
C PRO B 54 0.57 -2.16 34.05
N ALA B 55 0.59 -1.28 35.06
CA ALA B 55 -0.62 -0.83 35.72
C ALA B 55 -1.55 -0.11 34.73
N SER B 56 -1.00 0.44 33.65
CA SER B 56 -1.81 1.14 32.64
C SER B 56 -2.71 0.14 31.92
N TYR B 57 -2.30 -1.13 31.92
CA TYR B 57 -3.08 -2.18 31.27
C TYR B 57 -3.99 -2.87 32.29
N VAL B 58 -3.45 -3.19 33.45
CA VAL B 58 -4.21 -3.85 34.53
C VAL B 58 -3.79 -3.21 35.85
N ASP B 59 -4.64 -2.34 36.39
CA ASP B 59 -4.30 -1.64 37.64
C ASP B 59 -4.43 -2.49 38.91
N ASP B 60 -3.91 -1.96 40.01
CA ASP B 60 -3.94 -2.65 41.29
C ASP B 60 -5.33 -3.06 41.75
N GLU B 61 -6.30 -2.17 41.59
CA GLU B 61 -7.65 -2.48 42.00
C GLU B 61 -8.19 -3.71 41.27
N SER B 62 -7.93 -3.79 39.97
CA SER B 62 -8.38 -4.93 39.18
C SER B 62 -7.69 -6.23 39.61
N LEU B 63 -6.44 -6.14 40.05
CA LEU B 63 -5.73 -7.32 40.51
C LEU B 63 -6.35 -7.79 41.83
N THR B 64 -6.75 -6.84 42.67
CA THR B 64 -7.40 -7.17 43.95
C THR B 64 -8.69 -7.94 43.61
N GLN B 65 -9.45 -7.41 42.66
CA GLN B 65 -10.70 -8.05 42.26
C GLN B 65 -10.52 -9.43 41.65
N VAL B 66 -9.55 -9.60 40.75
CA VAL B 66 -9.37 -10.92 40.13
C VAL B 66 -8.88 -11.92 41.17
N ALA B 67 -8.06 -11.46 42.12
CA ALA B 67 -7.56 -12.35 43.17
C ALA B 67 -8.74 -12.90 43.97
N GLU B 68 -9.64 -12.01 44.36
CA GLU B 68 -10.81 -12.40 45.12
C GLU B 68 -11.74 -13.28 44.29
N TYR B 69 -11.93 -12.91 43.03
CA TYR B 69 -12.79 -13.71 42.16
C TYR B 69 -12.26 -15.13 42.02
N LEU B 70 -10.98 -15.27 41.68
CA LEU B 70 -10.40 -16.59 41.49
C LEU B 70 -10.48 -17.45 42.73
N SER B 71 -10.25 -16.84 43.90
CA SER B 71 -10.31 -17.57 45.16
C SER B 71 -11.71 -18.03 45.50
N SER B 72 -12.71 -17.31 45.00
CA SER B 72 -14.10 -17.65 45.29
C SER B 72 -14.61 -18.82 44.45
N LEU B 73 -13.91 -19.14 43.37
CA LEU B 73 -14.34 -20.24 42.51
C LEU B 73 -13.94 -21.60 43.04
N PRO B 74 -14.67 -22.65 42.64
CA PRO B 74 -14.33 -24.00 43.11
C PRO B 74 -13.14 -24.46 42.27
N ALA B 75 -12.27 -25.28 42.85
CA ALA B 75 -11.11 -25.78 42.13
C ALA B 75 -11.55 -26.78 41.07
N PRO B 76 -11.18 -26.55 39.80
CA PRO B 76 -11.52 -27.42 38.67
C PRO B 76 -11.07 -28.86 38.91
N ALA C 6 14.75 31.49 -26.18
CA ALA C 6 15.42 32.30 -25.11
C ALA C 6 14.84 32.00 -23.72
N VAL C 7 14.64 30.73 -23.42
CA VAL C 7 14.09 30.35 -22.12
C VAL C 7 15.20 29.84 -21.20
N LEU C 8 15.27 30.38 -19.99
CA LEU C 8 16.30 29.95 -19.04
C LEU C 8 15.63 29.52 -17.74
N PRO C 9 16.30 28.67 -16.95
CA PRO C 9 15.69 28.24 -15.69
C PRO C 9 15.59 29.45 -14.77
N LYS C 10 14.61 29.39 -13.90
CA LYS C 10 14.38 30.45 -12.93
C LYS C 10 15.64 30.65 -12.09
N GLY C 11 16.14 31.88 -12.03
CA GLY C 11 17.31 32.18 -11.23
C GLY C 11 18.65 31.68 -11.76
N VAL C 12 18.67 31.16 -12.98
CA VAL C 12 19.93 30.66 -13.55
C VAL C 12 20.37 31.59 -14.67
N THR C 13 21.60 32.08 -14.61
CA THR C 13 22.10 32.98 -15.64
C THR C 13 22.43 32.22 -16.91
N GLN C 14 22.49 32.94 -18.03
CA GLN C 14 22.81 32.32 -19.30
C GLN C 14 24.19 31.64 -19.18
N GLY C 15 25.09 32.28 -18.43
CA GLY C 15 26.43 31.75 -18.24
C GLY C 15 26.47 30.41 -17.52
N GLU C 16 25.71 30.31 -16.43
CA GLU C 16 25.63 29.06 -15.68
C GLU C 16 24.90 27.99 -16.49
N PHE C 17 23.85 28.40 -17.21
CA PHE C 17 23.10 27.47 -18.04
C PHE C 17 24.03 26.90 -19.13
N ASN C 18 24.84 27.77 -19.70
CA ASN C 18 25.78 27.37 -20.76
C ASN C 18 26.78 26.33 -20.24
N LYS C 19 27.26 26.53 -19.01
CA LYS C 19 28.21 25.59 -18.43
C LYS C 19 27.53 24.23 -18.21
N ALA C 20 26.28 24.27 -17.73
CA ALA C 20 25.56 23.03 -17.50
C ALA C 20 25.33 22.32 -18.82
N VAL C 21 24.95 23.06 -19.86
CA VAL C 21 24.71 22.44 -21.16
C VAL C 21 25.99 21.79 -21.70
N GLN C 22 27.13 22.44 -21.53
CA GLN C 22 28.37 21.85 -22.02
C GLN C 22 28.65 20.54 -21.28
N LYS C 23 28.39 20.54 -19.98
CA LYS C 23 28.61 19.33 -19.19
C LYS C 23 27.62 18.22 -19.56
N PHE C 24 26.37 18.58 -19.86
CA PHE C 24 25.39 17.55 -20.27
C PHE C 24 25.88 16.93 -21.58
N ARG C 25 26.43 17.76 -22.46
CA ARG C 25 26.93 17.25 -23.74
C ARG C 25 28.12 16.31 -23.54
N ALA C 26 29.02 16.69 -22.64
CA ALA C 26 30.19 15.87 -22.36
C ALA C 26 29.75 14.54 -21.78
N LEU C 27 28.73 14.58 -20.93
CA LEU C 27 28.20 13.37 -20.28
C LEU C 27 27.35 12.49 -21.16
N LEU C 28 26.40 13.09 -21.86
CA LEU C 28 25.42 12.36 -22.66
C LEU C 28 25.62 12.30 -24.17
N GLY C 29 26.39 13.23 -24.73
CA GLY C 29 26.58 13.24 -26.17
C GLY C 29 25.64 14.30 -26.71
N ASP C 30 26.06 15.03 -27.74
CA ASP C 30 25.25 16.10 -28.31
C ASP C 30 23.84 15.70 -28.72
N ASP C 31 23.67 14.50 -29.25
CA ASP C 31 22.36 14.02 -29.69
C ASP C 31 21.38 13.84 -28.55
N ASN C 32 21.89 13.83 -27.33
CA ASN C 32 21.02 13.63 -26.17
C ASN C 32 20.80 14.90 -25.37
N VAL C 33 21.20 16.04 -25.93
CA VAL C 33 21.01 17.33 -25.29
C VAL C 33 20.28 18.21 -26.28
N LEU C 34 19.03 18.55 -25.96
CA LEU C 34 18.19 19.35 -26.85
C LEU C 34 18.00 20.77 -26.36
N VAL C 35 18.46 21.73 -27.15
CA VAL C 35 18.31 23.11 -26.76
C VAL C 35 17.66 23.98 -27.83
N GLU C 36 17.43 23.43 -29.02
CA GLU C 36 16.80 24.17 -30.10
C GLU C 36 15.27 24.17 -29.98
N SER C 37 14.65 25.31 -30.25
CA SER C 37 13.20 25.44 -30.18
C SER C 37 12.41 24.33 -30.86
N ASP C 38 12.84 23.92 -32.06
CA ASP C 38 12.13 22.87 -32.76
C ASP C 38 12.23 21.52 -32.08
N GLN C 39 13.30 21.29 -31.34
CA GLN C 39 13.46 20.02 -30.65
C GLN C 39 12.63 20.00 -29.38
N LEU C 40 12.36 21.19 -28.85
CA LEU C 40 11.59 21.31 -27.62
C LEU C 40 10.08 21.44 -27.81
N VAL C 41 9.64 21.90 -28.96
CA VAL C 41 8.21 22.07 -29.18
C VAL C 41 7.33 20.85 -28.83
N PRO C 42 7.76 19.64 -29.20
CA PRO C 42 6.87 18.52 -28.84
C PRO C 42 6.64 18.32 -27.33
N TYR C 43 7.59 18.75 -26.52
CA TYR C 43 7.47 18.63 -25.05
C TYR C 43 6.54 19.71 -24.49
N ASN C 44 6.38 20.80 -25.24
CA ASN C 44 5.56 21.94 -24.83
C ASN C 44 4.05 21.82 -25.05
N LYS C 45 3.61 20.81 -25.80
CA LYS C 45 2.20 20.60 -26.10
C LYS C 45 1.40 20.37 -24.82
N ILE C 46 0.47 21.28 -24.51
CA ILE C 46 -0.34 21.15 -23.31
C ILE C 46 -1.82 21.38 -23.57
N MET C 47 -2.66 20.81 -22.71
CA MET C 47 -4.11 20.92 -22.80
C MET C 47 -4.67 21.86 -21.73
N MET C 48 -3.78 22.49 -20.97
CA MET C 48 -4.18 23.41 -19.89
C MET C 48 -4.50 24.79 -20.47
N PRO C 49 -5.44 25.52 -19.83
CA PRO C 49 -5.87 26.85 -20.28
C PRO C 49 -4.86 27.97 -20.01
N VAL C 50 -3.68 27.87 -20.62
CA VAL C 50 -2.64 28.88 -20.43
C VAL C 50 -1.75 28.74 -21.65
N GLU C 51 -1.05 29.82 -22.01
CA GLU C 51 -0.17 29.79 -23.17
C GLU C 51 1.00 28.84 -22.96
N ASN C 52 1.52 28.31 -24.06
CA ASN C 52 2.65 27.38 -24.02
C ASN C 52 3.84 27.91 -23.23
N ALA C 53 4.10 29.21 -23.36
CA ALA C 53 5.24 29.84 -22.69
C ALA C 53 5.30 29.62 -21.19
N ALA C 54 4.13 29.54 -20.57
CA ALA C 54 4.06 29.37 -19.12
C ALA C 54 4.66 28.05 -18.65
N HIS C 55 4.82 27.09 -19.56
CA HIS C 55 5.39 25.79 -19.22
C HIS C 55 6.48 25.39 -20.20
N ALA C 56 7.12 26.37 -20.82
CA ALA C 56 8.18 26.07 -21.79
C ALA C 56 9.47 25.61 -21.11
N PRO C 57 10.06 24.50 -21.57
CA PRO C 57 11.30 24.02 -20.97
C PRO C 57 12.49 24.79 -21.56
N SER C 58 13.59 24.87 -20.81
CA SER C 58 14.77 25.58 -21.31
C SER C 58 15.58 24.59 -22.14
N ALA C 59 15.36 23.31 -21.88
CA ALA C 59 16.07 22.25 -22.58
C ALA C 59 15.53 20.89 -22.18
N ALA C 60 16.03 19.86 -22.86
CA ALA C 60 15.65 18.49 -22.53
C ALA C 60 16.87 17.62 -22.74
N VAL C 61 17.08 16.66 -21.86
CA VAL C 61 18.20 15.74 -22.02
C VAL C 61 17.61 14.33 -21.90
N THR C 62 18.08 13.42 -22.74
CA THR C 62 17.61 12.04 -22.71
C THR C 62 18.70 11.11 -22.21
N ALA C 63 18.40 10.36 -21.14
CA ALA C 63 19.37 9.43 -20.57
C ALA C 63 18.87 8.00 -20.77
N THR C 64 19.80 7.05 -20.85
CA THR C 64 19.41 5.66 -21.03
C THR C 64 19.95 4.77 -19.90
N THR C 65 20.79 5.33 -19.04
CA THR C 65 21.38 4.55 -17.94
C THR C 65 21.29 5.27 -16.61
N VAL C 66 21.35 4.49 -15.53
CA VAL C 66 21.32 5.03 -14.18
C VAL C 66 22.54 5.93 -14.00
N GLU C 67 23.69 5.48 -14.50
CA GLU C 67 24.91 6.28 -14.38
C GLU C 67 24.75 7.66 -15.02
N GLN C 68 24.05 7.73 -16.15
CA GLN C 68 23.85 9.04 -16.80
C GLN C 68 22.94 9.91 -15.96
N VAL C 69 21.91 9.31 -15.36
CA VAL C 69 20.99 10.07 -14.51
C VAL C 69 21.78 10.62 -13.31
N GLN C 70 22.68 9.81 -12.75
CA GLN C 70 23.49 10.25 -11.63
C GLN C 70 24.37 11.42 -12.07
N GLY C 71 24.87 11.35 -13.28
CA GLY C 71 25.72 12.41 -13.81
C GLY C 71 24.92 13.70 -13.98
N VAL C 72 23.68 13.56 -14.43
CA VAL C 72 22.80 14.71 -14.62
C VAL C 72 22.53 15.44 -13.30
N VAL C 73 22.23 14.70 -12.24
CA VAL C 73 21.97 15.40 -10.99
C VAL C 73 23.22 16.07 -10.45
N LYS C 74 24.39 15.46 -10.68
CA LYS C 74 25.61 16.09 -10.19
C LYS C 74 25.75 17.46 -10.88
N ILE C 75 25.58 17.50 -12.20
CA ILE C 75 25.67 18.76 -12.93
C ILE C 75 24.59 19.72 -12.46
N CYS C 76 23.39 19.20 -12.22
CA CYS C 76 22.30 20.07 -11.78
C CYS C 76 22.62 20.74 -10.46
N ASN C 77 23.24 20.01 -9.54
CA ASN C 77 23.59 20.57 -8.26
C ASN C 77 24.71 21.61 -8.39
N GLU C 78 25.64 21.37 -9.31
N GLU C 78 25.64 21.36 -9.32
CA GLU C 78 26.75 22.31 -9.49
CA GLU C 78 26.77 22.26 -9.54
C GLU C 78 26.28 23.66 -10.00
C GLU C 78 26.34 23.63 -10.04
N HIS C 79 25.33 23.66 -10.91
CA HIS C 79 24.84 24.93 -11.47
C HIS C 79 23.41 25.28 -11.12
N LYS C 80 22.86 24.61 -10.10
CA LYS C 80 21.51 24.89 -9.64
C LYS C 80 20.46 24.85 -10.76
N ILE C 81 20.52 23.79 -11.56
CA ILE C 81 19.61 23.60 -12.69
C ILE C 81 18.41 22.73 -12.26
N PRO C 82 17.19 23.28 -12.31
CA PRO C 82 16.05 22.44 -11.91
C PRO C 82 15.64 21.52 -13.06
N ILE C 83 15.38 20.25 -12.76
CA ILE C 83 14.97 19.29 -13.79
C ILE C 83 13.60 18.69 -13.53
N TRP C 84 12.84 18.54 -14.60
CA TRP C 84 11.49 17.96 -14.58
C TRP C 84 11.59 16.60 -15.24
N THR C 85 11.38 15.53 -14.46
CA THR C 85 11.47 14.18 -14.99
C THR C 85 10.15 13.62 -15.53
N ILE C 86 10.24 13.03 -16.72
CA ILE C 86 9.10 12.38 -17.33
C ILE C 86 9.60 11.02 -17.78
N SER C 87 8.69 10.06 -17.90
CA SER C 87 9.04 8.72 -18.34
C SER C 87 8.53 8.55 -19.76
N THR C 88 7.23 8.28 -19.92
CA THR C 88 6.66 8.18 -21.25
C THR C 88 6.01 9.52 -21.63
N GLY C 89 5.87 10.41 -20.64
CA GLY C 89 5.33 11.75 -20.84
C GLY C 89 3.94 11.97 -21.44
N ARG C 90 3.07 10.98 -21.35
CA ARG C 90 1.72 11.09 -21.91
C ARG C 90 0.67 11.51 -20.85
N ASN C 91 1.06 12.40 -19.95
CA ASN C 91 0.19 12.85 -18.86
C ASN C 91 -0.86 13.88 -19.26
N PHE C 92 -1.62 13.54 -20.29
CA PHE C 92 -2.67 14.40 -20.86
C PHE C 92 -3.73 14.77 -19.83
N GLY C 93 -4.02 16.06 -19.72
CA GLY C 93 -5.01 16.54 -18.77
C GLY C 93 -4.41 16.83 -17.42
N TYR C 94 -3.13 16.50 -17.27
CA TYR C 94 -2.39 16.74 -16.03
C TYR C 94 -1.08 17.50 -16.28
N GLY C 95 -0.90 18.01 -17.50
CA GLY C 95 0.31 18.75 -17.85
C GLY C 95 1.16 18.12 -18.94
N SER C 96 0.77 16.91 -19.36
CA SER C 96 1.50 16.20 -20.41
C SER C 96 3.00 16.05 -20.13
N ALA C 97 3.86 16.46 -21.06
CA ALA C 97 5.30 16.32 -20.85
C ALA C 97 6.02 17.61 -20.46
N ALA C 98 5.28 18.70 -20.36
CA ALA C 98 5.88 19.98 -20.03
C ALA C 98 6.16 20.13 -18.52
N PRO C 99 7.21 20.89 -18.17
CA PRO C 99 7.57 21.10 -16.76
C PRO C 99 6.55 21.90 -15.96
N VAL C 100 6.56 21.72 -14.65
CA VAL C 100 5.62 22.43 -13.79
C VAL C 100 5.93 23.91 -13.78
N GLN C 101 7.20 24.27 -13.95
CA GLN C 101 7.61 25.68 -13.98
C GLN C 101 8.36 26.02 -15.27
N ARG C 102 8.05 27.17 -15.83
CA ARG C 102 8.71 27.61 -17.07
C ARG C 102 10.22 27.62 -16.86
N GLY C 103 10.97 27.13 -17.85
CA GLY C 103 12.41 27.15 -17.77
C GLY C 103 13.14 25.93 -17.23
N GLN C 104 12.41 24.96 -16.69
CA GLN C 104 13.07 23.79 -16.18
C GLN C 104 13.61 22.94 -17.32
N VAL C 105 14.65 22.16 -17.03
CA VAL C 105 15.23 21.28 -18.02
C VAL C 105 14.48 19.97 -17.88
N ILE C 106 14.04 19.41 -18.99
CA ILE C 106 13.32 18.16 -18.92
C ILE C 106 14.29 16.98 -18.95
N LEU C 107 14.19 16.10 -17.95
CA LEU C 107 14.99 14.89 -17.95
C LEU C 107 14.01 13.89 -18.56
N ASP C 108 14.20 13.59 -19.83
CA ASP C 108 13.36 12.68 -20.60
C ASP C 108 13.91 11.25 -20.58
N LEU C 109 13.24 10.34 -19.88
CA LEU C 109 13.71 8.97 -19.77
C LEU C 109 13.04 7.97 -20.73
N LYS C 110 12.39 8.48 -21.78
CA LYS C 110 11.69 7.60 -22.72
C LYS C 110 12.57 6.53 -23.36
N LYS C 111 13.85 6.85 -23.59
CA LYS C 111 14.76 5.89 -24.22
C LYS C 111 15.33 4.84 -23.26
N MET C 112 15.14 5.07 -21.96
N MET C 112 15.12 5.08 -21.97
CA MET C 112 15.60 4.12 -20.95
CA MET C 112 15.57 4.16 -20.93
C MET C 112 14.42 3.18 -20.86
C MET C 112 14.39 3.19 -20.86
N ASN C 113 14.26 2.37 -21.90
CA ASN C 113 13.11 1.47 -22.02
C ASN C 113 13.25 -0.04 -21.98
N LYS C 114 14.09 -0.56 -21.09
CA LYS C 114 14.22 -2.01 -21.03
C LYS C 114 13.19 -2.65 -20.12
N ILE C 115 12.65 -3.78 -20.56
CA ILE C 115 11.75 -4.54 -19.71
C ILE C 115 12.83 -5.43 -19.08
N ILE C 116 13.10 -5.23 -17.80
CA ILE C 116 14.16 -6.00 -17.15
C ILE C 116 13.74 -7.45 -16.91
N LYS C 117 12.52 -7.61 -16.43
CA LYS C 117 12.02 -8.94 -16.16
C LYS C 117 10.52 -9.03 -16.01
N ILE C 118 10.00 -10.17 -16.48
CA ILE C 118 8.59 -10.49 -16.35
C ILE C 118 8.62 -11.96 -15.93
N ASP C 119 8.27 -12.21 -14.67
CA ASP C 119 8.23 -13.56 -14.11
C ASP C 119 6.81 -14.07 -14.28
N PRO C 120 6.61 -15.09 -15.13
CA PRO C 120 5.27 -15.63 -15.36
C PRO C 120 4.72 -16.55 -14.25
N GLU C 121 5.58 -16.92 -13.29
CA GLU C 121 5.16 -17.79 -12.19
C GLU C 121 4.82 -16.98 -10.95
N MET C 122 5.73 -16.09 -10.56
CA MET C 122 5.50 -15.23 -9.39
C MET C 122 4.64 -14.04 -9.86
N CYS C 123 4.44 -13.97 -11.18
CA CYS C 123 3.62 -12.93 -11.79
C CYS C 123 3.94 -11.49 -11.44
N TYR C 124 5.07 -11.01 -11.96
CA TYR C 124 5.48 -9.64 -11.73
C TYR C 124 6.37 -9.17 -12.85
N ALA C 125 6.56 -7.85 -12.90
CA ALA C 125 7.41 -7.23 -13.90
C ALA C 125 8.32 -6.22 -13.20
N LEU C 126 9.47 -5.98 -13.82
CA LEU C 126 10.44 -5.01 -13.35
C LEU C 126 10.81 -4.30 -14.63
N VAL C 127 10.55 -3.01 -14.68
CA VAL C 127 10.81 -2.24 -15.89
C VAL C 127 11.47 -0.89 -15.66
N GLU C 128 11.95 -0.32 -16.76
CA GLU C 128 12.57 0.99 -16.77
C GLU C 128 11.47 2.00 -17.12
N PRO C 129 11.72 3.30 -16.89
CA PRO C 129 10.76 4.37 -17.16
C PRO C 129 10.16 4.48 -18.57
N GLY C 130 10.99 4.28 -19.59
CA GLY C 130 10.53 4.41 -20.96
C GLY C 130 9.68 3.28 -21.50
N VAL C 131 9.51 2.23 -20.71
CA VAL C 131 8.68 1.10 -21.14
C VAL C 131 7.21 1.53 -21.23
N THR C 132 6.55 1.18 -22.34
CA THR C 132 5.15 1.52 -22.53
C THR C 132 4.30 0.28 -22.34
N PHE C 133 3.01 0.44 -22.09
CA PHE C 133 2.15 -0.73 -21.93
C PHE C 133 2.03 -1.46 -23.27
N GLY C 134 2.13 -0.73 -24.38
CA GLY C 134 2.07 -1.36 -25.69
C GLY C 134 3.25 -2.30 -25.85
N GLN C 135 4.42 -1.84 -25.44
CA GLN C 135 5.65 -2.62 -25.51
C GLN C 135 5.51 -3.89 -24.67
N MET C 136 4.98 -3.76 -23.45
CA MET C 136 4.79 -4.90 -22.57
C MET C 136 3.72 -5.85 -23.10
N TYR C 137 2.64 -5.30 -23.66
CA TYR C 137 1.59 -6.15 -24.20
C TYR C 137 2.18 -7.02 -25.31
N ASP C 138 2.95 -6.40 -26.21
CA ASP C 138 3.59 -7.14 -27.29
C ASP C 138 4.52 -8.22 -26.76
N TYR C 139 5.29 -7.90 -25.73
CA TYR C 139 6.23 -8.85 -25.17
C TYR C 139 5.51 -10.05 -24.56
N ILE C 140 4.42 -9.78 -23.84
CA ILE C 140 3.63 -10.82 -23.22
C ILE C 140 2.95 -11.75 -24.25
N GLN C 141 2.46 -11.16 -25.35
CA GLN C 141 1.82 -11.96 -26.40
C GLN C 141 2.84 -12.78 -27.18
N GLU C 142 3.93 -12.15 -27.60
CA GLU C 142 4.97 -12.84 -28.36
C GLU C 142 5.52 -14.02 -27.59
N ASN C 143 5.60 -13.88 -26.27
CA ASN C 143 6.12 -14.95 -25.42
C ASN C 143 5.02 -15.82 -24.80
N ASN C 144 3.78 -15.55 -25.18
CA ASN C 144 2.62 -16.31 -24.69
C ASN C 144 2.64 -16.46 -23.17
N LEU C 145 2.97 -15.38 -22.46
CA LEU C 145 3.01 -15.41 -21.01
C LEU C 145 1.59 -15.31 -20.46
N PRO C 146 1.23 -16.20 -19.50
CA PRO C 146 -0.10 -16.20 -18.90
C PRO C 146 -0.40 -15.10 -17.88
N VAL C 147 -0.11 -13.85 -18.24
CA VAL C 147 -0.39 -12.74 -17.33
C VAL C 147 -1.07 -11.64 -18.12
N MET C 148 -1.68 -10.69 -17.41
CA MET C 148 -2.34 -9.56 -18.06
C MET C 148 -1.93 -8.26 -17.38
N LEU C 149 -2.13 -7.17 -18.10
CA LEU C 149 -1.76 -5.85 -17.61
C LEU C 149 -2.97 -5.08 -17.13
N SER C 150 -2.72 -3.95 -16.49
CA SER C 150 -3.76 -3.03 -16.06
C SER C 150 -3.22 -1.67 -16.50
N PHE C 151 -4.09 -0.83 -17.05
CA PHE C 151 -3.61 0.46 -17.49
C PHE C 151 -4.71 1.48 -17.75
N SER C 152 -4.30 2.73 -17.72
CA SER C 152 -5.15 3.89 -18.00
C SER C 152 -5.58 3.75 -19.48
N ALA C 153 -6.60 4.50 -19.88
CA ALA C 153 -7.08 4.45 -21.27
C ALA C 153 -5.96 4.72 -22.32
N PRO C 154 -5.02 5.63 -22.03
CA PRO C 154 -3.92 5.93 -22.97
C PRO C 154 -3.08 4.67 -23.22
N SER C 155 -3.37 3.66 -22.41
CA SER C 155 -2.76 2.33 -22.49
C SER C 155 -1.51 2.15 -23.36
N ALA C 156 -1.70 1.78 -24.62
CA ALA C 156 -0.58 1.53 -25.54
C ALA C 156 0.58 2.53 -25.51
N ILE C 157 0.29 3.83 -25.42
CA ILE C 157 1.38 4.81 -25.42
C ILE C 157 1.84 5.27 -24.04
N ALA C 158 1.06 4.96 -23.02
CA ALA C 158 1.42 5.33 -21.65
C ALA C 158 2.37 4.25 -21.13
N GLY C 159 2.85 4.41 -19.90
CA GLY C 159 3.75 3.42 -19.32
C GLY C 159 3.51 3.22 -17.83
N PRO C 160 3.93 2.09 -17.25
CA PRO C 160 3.70 1.86 -15.82
C PRO C 160 4.47 2.75 -14.83
N VAL C 161 5.71 3.09 -15.15
CA VAL C 161 6.49 3.92 -14.23
C VAL C 161 5.87 5.30 -14.12
N GLY C 162 5.67 5.95 -15.27
CA GLY C 162 5.10 7.29 -15.27
C GLY C 162 3.73 7.35 -14.62
N ASN C 163 2.84 6.47 -15.06
CA ASN C 163 1.49 6.44 -14.52
C ASN C 163 1.47 6.17 -13.02
N THR C 164 2.29 5.23 -12.57
CA THR C 164 2.34 4.90 -11.14
C THR C 164 2.97 6.02 -10.31
N MET C 165 3.92 6.76 -10.88
CA MET C 165 4.53 7.87 -10.12
C MET C 165 3.49 8.96 -9.87
N ASP C 166 2.41 8.98 -10.65
CA ASP C 166 1.32 9.95 -10.43
C ASP C 166 0.13 9.24 -9.78
N ARG C 167 0.35 7.98 -9.38
CA ARG C 167 -0.68 7.15 -8.76
C ARG C 167 -1.95 7.02 -9.59
N GLY C 168 -1.75 6.73 -10.87
CA GLY C 168 -2.84 6.56 -11.81
C GLY C 168 -3.59 5.25 -11.55
N VAL C 169 -4.67 5.05 -12.30
CA VAL C 169 -5.52 3.89 -12.15
C VAL C 169 -5.89 3.17 -13.45
N GLY C 170 -6.29 1.92 -13.29
CA GLY C 170 -6.68 1.08 -14.40
C GLY C 170 -8.05 0.49 -14.19
N TYR C 171 -8.40 -0.51 -14.99
CA TYR C 171 -9.74 -1.07 -14.95
C TYR C 171 -9.92 -2.56 -14.71
N THR C 172 -8.87 -3.24 -14.27
CA THR C 172 -8.97 -4.66 -13.99
C THR C 172 -8.89 -4.78 -12.45
N PRO C 173 -8.89 -6.01 -11.92
CA PRO C 173 -8.81 -6.12 -10.45
C PRO C 173 -7.48 -5.55 -9.91
N TYR C 174 -6.53 -5.30 -10.81
CA TYR C 174 -5.24 -4.72 -10.44
C TYR C 174 -5.20 -3.24 -10.77
N GLY C 175 -6.38 -2.63 -10.85
CA GLY C 175 -6.54 -1.23 -11.22
C GLY C 175 -5.94 -0.16 -10.34
N GLU C 176 -5.69 -0.48 -9.07
N GLU C 176 -5.71 -0.43 -9.05
CA GLU C 176 -5.08 0.47 -8.16
CA GLU C 176 -5.11 0.60 -8.20
C GLU C 176 -3.60 0.20 -8.36
C GLU C 176 -3.62 0.30 -8.32
N HIS C 177 -3.03 0.86 -9.36
CA HIS C 177 -1.63 0.66 -9.69
C HIS C 177 -0.62 0.84 -8.59
N PHE C 178 -0.71 1.90 -7.81
CA PHE C 178 0.29 2.05 -6.77
C PHE C 178 0.20 0.90 -5.77
N MET C 179 -1.03 0.46 -5.52
N MET C 179 -1.03 0.45 -5.49
CA MET C 179 -1.28 -0.64 -4.58
CA MET C 179 -1.21 -0.64 -4.53
C MET C 179 -0.58 -1.92 -5.03
C MET C 179 -0.54 -1.92 -5.03
N MET C 180 -0.52 -2.13 -6.35
CA MET C 180 0.11 -3.33 -6.91
C MET C 180 1.61 -3.14 -7.26
N GLN C 181 2.14 -1.95 -6.99
CA GLN C 181 3.56 -1.67 -7.26
C GLN C 181 4.40 -2.35 -6.16
N CYS C 182 5.57 -2.87 -6.53
CA CYS C 182 6.42 -3.54 -5.53
C CYS C 182 7.88 -3.38 -5.89
N GLY C 183 8.60 -2.58 -5.10
CA GLY C 183 10.00 -2.38 -5.40
C GLY C 183 10.16 -1.18 -6.33
N MET C 184 11.06 -0.29 -5.97
CA MET C 184 11.31 0.91 -6.76
C MET C 184 12.78 1.31 -6.58
N GLU C 185 13.36 1.86 -7.63
CA GLU C 185 14.73 2.36 -7.59
C GLU C 185 14.69 3.83 -7.98
N VAL C 186 15.35 4.68 -7.20
CA VAL C 186 15.38 6.10 -7.52
C VAL C 186 16.79 6.62 -7.35
N VAL C 187 17.12 7.63 -8.14
CA VAL C 187 18.41 8.27 -8.00
C VAL C 187 18.03 9.50 -7.17
N LEU C 188 18.70 9.68 -6.04
CA LEU C 188 18.42 10.80 -5.17
C LEU C 188 19.18 12.04 -5.66
N ALA C 189 18.80 13.22 -5.18
CA ALA C 189 19.45 14.43 -5.63
C ALA C 189 20.97 14.41 -5.41
N ASN C 190 21.46 13.67 -4.42
CA ASN C 190 22.90 13.64 -4.21
C ASN C 190 23.58 12.58 -5.06
N GLY C 191 22.83 11.94 -5.96
CA GLY C 191 23.42 10.92 -6.83
C GLY C 191 23.32 9.49 -6.34
N ASP C 192 22.99 9.30 -5.06
CA ASP C 192 22.86 7.94 -4.50
C ASP C 192 21.70 7.19 -5.19
N VAL C 193 21.89 5.89 -5.39
CA VAL C 193 20.87 5.05 -5.98
C VAL C 193 20.23 4.28 -4.82
N TYR C 194 18.97 4.59 -4.53
CA TYR C 194 18.24 3.96 -3.45
C TYR C 194 17.17 3.00 -3.96
N ARG C 195 17.13 1.80 -3.39
CA ARG C 195 16.10 0.82 -3.78
C ARG C 195 15.24 0.58 -2.55
N THR C 196 13.92 0.66 -2.74
CA THR C 196 12.98 0.46 -1.66
C THR C 196 12.82 -1.03 -1.36
N GLY C 197 12.02 -1.34 -0.35
CA GLY C 197 11.74 -2.72 0.02
C GLY C 197 12.94 -3.63 0.21
N MET C 198 12.91 -4.77 -0.45
CA MET C 198 13.98 -5.77 -0.35
C MET C 198 15.13 -5.48 -1.30
N GLY C 199 15.01 -4.42 -2.09
CA GLY C 199 16.04 -4.08 -3.07
C GLY C 199 17.43 -3.76 -2.56
N GLY C 200 17.53 -3.19 -1.35
CA GLY C 200 18.83 -2.86 -0.81
C GLY C 200 19.65 -4.04 -0.30
N VAL C 201 19.03 -5.22 -0.19
CA VAL C 201 19.72 -6.41 0.30
C VAL C 201 20.53 -7.05 -0.82
N PRO C 202 21.86 -7.12 -0.67
CA PRO C 202 22.66 -7.74 -1.73
C PRO C 202 22.26 -9.19 -2.00
N GLY C 203 22.05 -9.51 -3.28
CA GLY C 203 21.69 -10.86 -3.65
C GLY C 203 20.20 -11.16 -3.46
N SER C 204 19.46 -10.13 -3.09
CA SER C 204 18.01 -10.26 -2.87
C SER C 204 17.24 -10.75 -4.09
N ASN C 205 16.22 -11.57 -3.86
CA ASN C 205 15.41 -12.03 -4.98
C ASN C 205 13.95 -11.76 -4.66
N THR C 206 13.71 -10.87 -3.71
CA THR C 206 12.35 -10.54 -3.30
C THR C 206 11.93 -9.08 -3.51
N TRP C 207 12.68 -8.35 -4.32
CA TRP C 207 12.38 -6.95 -4.57
C TRP C 207 10.96 -6.75 -5.14
N GLN C 208 10.51 -7.69 -5.98
CA GLN C 208 9.16 -7.61 -6.57
C GLN C 208 8.22 -8.61 -5.90
N ILE C 209 8.63 -9.09 -4.74
CA ILE C 209 7.87 -10.10 -4.01
C ILE C 209 7.18 -9.55 -2.76
N PHE C 210 7.96 -8.86 -1.92
CA PHE C 210 7.45 -8.28 -0.67
C PHE C 210 7.65 -6.76 -0.68
N LYS C 211 6.55 -6.04 -0.56
CA LYS C 211 6.58 -4.59 -0.63
C LYS C 211 7.39 -3.77 0.35
N TRP C 212 7.11 -3.99 1.63
CA TRP C 212 7.65 -3.17 2.70
C TRP C 212 9.12 -3.18 3.03
N GLY C 213 9.75 -4.35 2.99
CA GLY C 213 11.14 -4.38 3.38
C GLY C 213 11.18 -4.19 4.90
N TYR C 214 12.20 -3.52 5.39
CA TYR C 214 12.41 -3.28 6.82
C TYR C 214 12.61 -1.79 7.08
N GLY C 215 12.13 -1.31 8.23
CA GLY C 215 12.26 0.10 8.55
C GLY C 215 11.24 0.92 7.76
N PRO C 216 11.40 2.24 7.69
CA PRO C 216 10.42 3.03 6.93
C PRO C 216 10.27 2.52 5.50
N THR C 217 9.04 2.38 5.02
CA THR C 217 8.84 1.92 3.66
C THR C 217 8.49 3.19 2.89
N LEU C 218 9.36 3.53 1.95
CA LEU C 218 9.27 4.81 1.25
C LEU C 218 8.72 4.96 -0.15
N ASP C 219 8.27 3.89 -0.78
CA ASP C 219 7.75 4.01 -2.14
C ASP C 219 6.73 5.14 -2.25
N GLY C 220 5.80 5.21 -1.32
CA GLY C 220 4.78 6.25 -1.36
C GLY C 220 5.33 7.67 -1.25
N MET C 221 6.42 7.81 -0.51
CA MET C 221 7.03 9.13 -0.33
C MET C 221 7.54 9.67 -1.66
N PHE C 222 7.89 8.79 -2.58
CA PHE C 222 8.37 9.25 -3.88
C PHE C 222 7.26 9.52 -4.89
N THR C 223 6.13 8.83 -4.78
CA THR C 223 5.02 9.06 -5.71
C THR C 223 4.43 10.47 -5.48
N GLN C 224 4.06 11.13 -6.57
CA GLN C 224 3.53 12.50 -6.57
C GLN C 224 4.45 13.40 -5.79
N ALA C 225 5.75 13.14 -5.88
CA ALA C 225 6.71 13.95 -5.16
C ALA C 225 7.96 14.22 -5.99
N ASN C 226 8.86 15.03 -5.44
CA ASN C 226 10.10 15.38 -6.12
C ASN C 226 11.28 15.13 -5.20
N TYR C 227 11.32 13.93 -4.62
CA TYR C 227 12.38 13.55 -3.71
C TYR C 227 13.37 12.57 -4.38
N GLY C 228 13.13 12.22 -5.62
CA GLY C 228 14.03 11.29 -6.29
C GLY C 228 13.57 11.10 -7.72
N ILE C 229 14.41 10.46 -8.54
CA ILE C 229 14.11 10.20 -9.94
C ILE C 229 13.99 8.69 -10.08
N CYS C 230 12.80 8.19 -10.43
CA CYS C 230 12.63 6.75 -10.55
C CYS C 230 13.29 6.22 -11.82
N THR C 231 14.12 5.19 -11.66
CA THR C 231 14.86 4.59 -12.78
C THR C 231 14.47 3.13 -13.03
N LYS C 232 13.79 2.52 -12.07
CA LYS C 232 13.29 1.15 -12.18
C LYS C 232 12.07 1.03 -11.26
N MET C 233 11.09 0.25 -11.69
CA MET C 233 9.92 0.01 -10.87
C MET C 233 9.37 -1.36 -11.16
N GLY C 234 9.00 -2.06 -10.08
CA GLY C 234 8.42 -3.38 -10.22
C GLY C 234 6.97 -3.27 -9.82
N PHE C 235 6.18 -4.23 -10.29
CA PHE C 235 4.77 -4.28 -9.96
C PHE C 235 4.25 -5.66 -10.25
N TRP C 236 3.19 -6.02 -9.55
CA TRP C 236 2.58 -7.32 -9.71
C TRP C 236 1.63 -7.38 -10.90
N LEU C 237 1.57 -8.56 -11.51
CA LEU C 237 0.71 -8.80 -12.67
C LEU C 237 -0.34 -9.83 -12.33
N MET C 238 -1.54 -9.62 -12.85
N MET C 238 -1.57 -9.61 -12.81
CA MET C 238 -2.65 -10.53 -12.62
CA MET C 238 -2.65 -10.55 -12.54
C MET C 238 -2.51 -11.76 -13.51
C MET C 238 -2.50 -11.74 -13.47
N PRO C 239 -2.64 -12.97 -12.93
CA PRO C 239 -2.53 -14.18 -13.74
C PRO C 239 -3.72 -14.17 -14.68
N LYS C 240 -3.52 -14.62 -15.91
CA LYS C 240 -4.59 -14.63 -16.90
C LYS C 240 -5.58 -15.72 -16.46
N PRO C 241 -6.84 -15.34 -16.20
CA PRO C 241 -7.88 -16.28 -15.77
C PRO C 241 -8.45 -17.07 -16.94
N PRO C 242 -9.10 -18.20 -16.65
CA PRO C 242 -9.68 -19.02 -17.72
C PRO C 242 -10.81 -18.28 -18.44
N VAL C 243 -11.65 -17.61 -17.65
CA VAL C 243 -12.80 -16.90 -18.18
C VAL C 243 -12.83 -15.42 -17.79
N PHE C 244 -13.20 -14.58 -18.75
CA PHE C 244 -13.34 -13.13 -18.57
C PHE C 244 -14.73 -12.80 -19.07
N LYS C 245 -15.55 -12.20 -18.20
CA LYS C 245 -16.90 -11.85 -18.60
C LYS C 245 -17.21 -10.38 -18.37
N PRO C 246 -17.05 -9.55 -19.40
CA PRO C 246 -17.34 -8.13 -19.25
C PRO C 246 -18.83 -7.92 -19.42
N PHE C 247 -19.39 -6.90 -18.79
CA PHE C 247 -20.80 -6.63 -18.94
C PHE C 247 -21.07 -5.15 -18.67
N GLU C 248 -22.26 -4.71 -19.06
CA GLU C 248 -22.67 -3.33 -18.86
C GLU C 248 -24.08 -3.28 -18.31
N VAL C 249 -24.36 -2.25 -17.53
CA VAL C 249 -25.71 -2.06 -17.02
C VAL C 249 -26.05 -0.59 -17.32
N ILE C 250 -27.11 -0.38 -18.11
CA ILE C 250 -27.52 0.96 -18.51
C ILE C 250 -28.70 1.49 -17.68
N PHE C 251 -28.52 2.67 -17.10
CA PHE C 251 -29.54 3.32 -16.28
C PHE C 251 -30.02 4.59 -16.99
N GLU C 252 -31.32 4.86 -16.92
CA GLU C 252 -31.92 6.00 -17.62
C GLU C 252 -31.93 7.38 -16.94
N ASP C 253 -31.96 7.44 -15.61
CA ASP C 253 -32.03 8.72 -14.92
C ASP C 253 -30.81 9.19 -14.15
N GLU C 254 -30.53 10.49 -14.27
CA GLU C 254 -29.40 11.07 -13.56
C GLU C 254 -29.48 10.70 -12.07
N ALA C 255 -30.69 10.74 -11.51
CA ALA C 255 -30.87 10.44 -10.10
C ALA C 255 -30.59 9.00 -9.69
N ASP C 256 -30.54 8.07 -10.65
CA ASP C 256 -30.27 6.67 -10.33
C ASP C 256 -28.90 6.43 -9.70
N ILE C 257 -27.96 7.35 -9.92
CA ILE C 257 -26.61 7.19 -9.39
C ILE C 257 -26.60 6.81 -7.90
N VAL C 258 -27.58 7.31 -7.15
CA VAL C 258 -27.67 7.01 -5.74
C VAL C 258 -27.86 5.51 -5.52
N GLU C 259 -28.91 4.96 -6.11
CA GLU C 259 -29.20 3.53 -5.98
C GLU C 259 -28.18 2.64 -6.68
N ILE C 260 -27.60 3.13 -7.77
CA ILE C 260 -26.58 2.37 -8.49
C ILE C 260 -25.38 2.16 -7.55
N VAL C 261 -24.85 3.25 -7.02
CA VAL C 261 -23.68 3.15 -6.14
C VAL C 261 -23.95 2.34 -4.87
N ASP C 262 -25.10 2.54 -4.25
CA ASP C 262 -25.38 1.81 -3.02
C ASP C 262 -25.58 0.33 -3.24
N ALA C 263 -26.05 -0.05 -4.43
CA ALA C 263 -26.24 -1.46 -4.75
C ALA C 263 -24.90 -2.08 -5.14
N LEU C 264 -24.06 -1.29 -5.81
CA LEU C 264 -22.74 -1.74 -6.24
C LEU C 264 -21.74 -1.92 -5.11
N ARG C 265 -21.75 -1.01 -4.14
CA ARG C 265 -20.79 -1.06 -3.04
C ARG C 265 -20.62 -2.45 -2.40
N PRO C 266 -21.71 -3.10 -1.96
CA PRO C 266 -21.52 -4.42 -1.35
C PRO C 266 -20.88 -5.44 -2.31
N LEU C 267 -21.19 -5.35 -3.60
CA LEU C 267 -20.61 -6.25 -4.58
C LEU C 267 -19.10 -6.03 -4.72
N ARG C 268 -18.67 -4.78 -4.61
CA ARG C 268 -17.25 -4.45 -4.71
C ARG C 268 -16.57 -4.83 -3.40
N MET C 269 -17.23 -4.50 -2.29
N MET C 269 -17.20 -4.50 -2.27
CA MET C 269 -16.73 -4.76 -0.93
CA MET C 269 -16.62 -4.79 -0.98
C MET C 269 -16.48 -6.25 -0.67
C MET C 269 -16.43 -6.28 -0.72
N SER C 270 -17.33 -7.11 -1.25
CA SER C 270 -17.21 -8.56 -1.07
C SER C 270 -16.30 -9.17 -2.14
N ASN C 271 -15.87 -8.32 -3.07
CA ASN C 271 -15.02 -8.73 -4.18
C ASN C 271 -15.76 -9.60 -5.20
N THR C 272 -17.08 -9.65 -5.12
CA THR C 272 -17.85 -10.45 -6.08
C THR C 272 -17.64 -9.85 -7.47
N ILE C 273 -17.53 -8.52 -7.51
CA ILE C 273 -17.17 -7.80 -8.74
C ILE C 273 -15.82 -7.28 -8.24
N PRO C 274 -14.72 -7.85 -8.76
CA PRO C 274 -13.35 -7.51 -8.38
C PRO C 274 -12.60 -6.38 -9.07
N ASN C 275 -13.09 -5.89 -10.20
CA ASN C 275 -12.36 -4.84 -10.89
C ASN C 275 -12.86 -3.44 -10.61
N SER C 276 -12.04 -2.47 -10.96
CA SER C 276 -12.37 -1.07 -10.78
C SER C 276 -13.47 -0.75 -11.77
N VAL C 277 -14.71 -0.84 -11.30
CA VAL C 277 -15.90 -0.57 -12.10
C VAL C 277 -15.99 0.90 -12.49
N VAL C 278 -16.69 1.17 -13.59
CA VAL C 278 -16.90 2.52 -14.08
C VAL C 278 -18.39 2.83 -14.28
N ILE C 279 -18.79 4.03 -13.89
CA ILE C 279 -20.18 4.47 -14.07
C ILE C 279 -20.05 5.78 -14.84
N ALA C 280 -20.18 5.68 -16.16
CA ALA C 280 -20.03 6.81 -17.07
C ALA C 280 -21.30 7.61 -17.37
N SER C 281 -21.19 8.92 -17.27
CA SER C 281 -22.33 9.81 -17.55
C SER C 281 -22.58 9.79 -19.06
N THR C 282 -23.75 10.29 -19.45
CA THR C 282 -24.13 10.31 -20.85
C THR C 282 -23.11 10.92 -21.81
N LEU C 283 -22.54 12.07 -21.44
CA LEU C 283 -21.59 12.71 -22.31
C LEU C 283 -20.22 12.03 -22.36
N TRP C 284 -19.86 11.31 -21.30
CA TRP C 284 -18.59 10.60 -21.31
C TRP C 284 -18.81 9.43 -22.26
N GLU C 285 -19.95 8.76 -22.10
CA GLU C 285 -20.30 7.62 -22.95
C GLU C 285 -20.30 8.08 -24.42
N ALA C 286 -20.97 9.20 -24.68
CA ALA C 286 -21.05 9.74 -26.04
C ALA C 286 -19.69 10.06 -26.62
N GLY C 287 -18.87 10.77 -25.85
CA GLY C 287 -17.54 11.11 -26.33
C GLY C 287 -16.72 9.88 -26.61
N SER C 288 -16.81 8.87 -25.72
CA SER C 288 -16.05 7.64 -25.90
C SER C 288 -16.54 6.86 -27.11
N ALA C 289 -17.82 7.04 -27.46
CA ALA C 289 -18.42 6.39 -28.62
C ALA C 289 -18.22 7.24 -29.88
N HIS C 290 -17.48 8.34 -29.72
CA HIS C 290 -17.15 9.25 -30.81
C HIS C 290 -18.22 10.17 -31.39
N LEU C 291 -19.18 10.55 -30.55
CA LEU C 291 -20.20 11.49 -30.97
C LEU C 291 -19.60 12.84 -30.58
N THR C 292 -19.95 13.91 -31.30
CA THR C 292 -19.44 15.24 -30.99
C THR C 292 -20.60 16.18 -30.74
N ARG C 293 -20.35 17.25 -29.97
CA ARG C 293 -21.41 18.21 -29.66
C ARG C 293 -21.96 18.84 -30.94
N ALA C 294 -21.07 19.12 -31.89
CA ALA C 294 -21.47 19.73 -33.15
C ALA C 294 -22.49 18.92 -33.93
N GLN C 295 -22.60 17.64 -33.61
CA GLN C 295 -23.55 16.77 -34.30
C GLN C 295 -24.95 16.99 -33.77
N TYR C 296 -25.04 17.55 -32.56
CA TYR C 296 -26.34 17.79 -31.95
C TYR C 296 -26.69 19.25 -31.73
N THR C 297 -25.70 20.13 -31.71
CA THR C 297 -26.00 21.53 -31.50
C THR C 297 -24.77 22.43 -31.61
N THR C 298 -25.03 23.71 -31.87
CA THR C 298 -23.97 24.71 -31.96
C THR C 298 -24.39 25.90 -31.11
N GLU C 299 -25.43 25.69 -30.31
CA GLU C 299 -25.93 26.72 -29.41
C GLU C 299 -24.79 26.98 -28.41
N PRO C 300 -24.63 28.24 -27.97
CA PRO C 300 -23.57 28.55 -27.00
C PRO C 300 -23.87 27.90 -25.66
N GLY C 301 -22.90 27.96 -24.74
CA GLY C 301 -23.11 27.40 -23.42
C GLY C 301 -23.06 25.89 -23.32
N HIS C 302 -23.51 25.37 -22.18
CA HIS C 302 -23.49 23.92 -21.97
C HIS C 302 -24.48 23.22 -22.89
N THR C 303 -24.30 21.91 -23.05
CA THR C 303 -25.19 21.12 -23.87
C THR C 303 -26.50 20.95 -23.12
N PRO C 304 -27.59 21.51 -23.65
CA PRO C 304 -28.94 21.46 -23.05
C PRO C 304 -29.38 20.06 -22.64
N ASP C 305 -29.98 19.96 -21.45
CA ASP C 305 -30.47 18.68 -20.92
C ASP C 305 -31.42 18.03 -21.92
N SER C 306 -32.08 18.83 -22.74
CA SER C 306 -33.01 18.31 -23.74
C SER C 306 -32.27 17.64 -24.88
N VAL C 307 -31.06 18.13 -25.17
CA VAL C 307 -30.26 17.54 -26.23
C VAL C 307 -29.68 16.20 -25.74
N ILE C 308 -29.37 16.15 -24.45
CA ILE C 308 -28.83 14.93 -23.84
C ILE C 308 -29.91 13.85 -23.74
N LYS C 309 -31.11 14.22 -23.29
CA LYS C 309 -32.20 13.25 -23.18
C LYS C 309 -32.47 12.71 -24.57
N GLN C 310 -32.34 13.57 -25.57
CA GLN C 310 -32.56 13.16 -26.94
C GLN C 310 -31.48 12.18 -27.37
N MET C 311 -30.23 12.51 -27.07
CA MET C 311 -29.10 11.65 -27.41
C MET C 311 -29.32 10.24 -26.87
N GLN C 312 -29.78 10.16 -25.63
CA GLN C 312 -30.04 8.89 -24.97
C GLN C 312 -31.12 8.14 -25.75
N LYS C 313 -32.16 8.88 -26.10
CA LYS C 313 -33.29 8.35 -26.86
C LYS C 313 -32.84 7.74 -28.19
N ASP C 314 -31.98 8.47 -28.91
CA ASP C 314 -31.50 8.01 -30.22
C ASP C 314 -30.38 6.96 -30.22
N THR C 315 -29.67 6.81 -29.09
CA THR C 315 -28.56 5.87 -29.05
C THR C 315 -28.73 4.67 -28.12
N GLY C 316 -29.54 4.82 -27.09
CA GLY C 316 -29.71 3.73 -26.15
C GLY C 316 -28.79 3.93 -24.95
N MET C 317 -27.95 4.97 -25.01
CA MET C 317 -27.06 5.25 -23.89
C MET C 317 -27.95 5.73 -22.75
N GLY C 318 -27.52 5.52 -21.52
CA GLY C 318 -28.32 5.98 -20.40
C GLY C 318 -27.68 7.18 -19.73
N ALA C 319 -28.33 7.70 -18.69
CA ALA C 319 -27.81 8.84 -17.94
C ALA C 319 -26.51 8.34 -17.31
N TRP C 320 -26.51 7.05 -16.97
CA TRP C 320 -25.34 6.41 -16.37
C TRP C 320 -25.14 5.07 -17.05
N ASN C 321 -23.89 4.79 -17.43
CA ASN C 321 -23.55 3.56 -18.12
C ASN C 321 -22.44 2.87 -17.33
N LEU C 322 -22.80 1.76 -16.70
CA LEU C 322 -21.90 0.99 -15.85
C LEU C 322 -21.22 -0.17 -16.58
N TYR C 323 -19.89 -0.23 -16.44
CA TYR C 323 -19.08 -1.29 -17.05
C TYR C 323 -18.26 -1.98 -15.97
N ALA C 324 -18.36 -3.31 -15.93
CA ALA C 324 -17.66 -4.12 -14.95
C ALA C 324 -17.36 -5.48 -15.57
N ALA C 325 -16.72 -6.34 -14.79
CA ALA C 325 -16.40 -7.66 -15.32
C ALA C 325 -16.18 -8.70 -14.23
N LEU C 326 -16.29 -9.96 -14.61
CA LEU C 326 -16.07 -11.10 -13.71
C LEU C 326 -14.88 -11.88 -14.26
N TYR C 327 -14.11 -12.49 -13.36
CA TYR C 327 -12.91 -13.23 -13.76
C TYR C 327 -12.79 -14.51 -12.94
N GLY C 328 -12.19 -15.54 -13.53
CA GLY C 328 -12.03 -16.80 -12.83
C GLY C 328 -12.35 -17.98 -13.71
N THR C 329 -12.69 -19.11 -13.10
CA THR C 329 -13.06 -20.32 -13.85
C THR C 329 -14.50 -20.11 -14.29
N GLN C 330 -14.98 -20.94 -15.21
CA GLN C 330 -16.36 -20.80 -15.66
C GLN C 330 -17.33 -20.91 -14.48
N GLU C 331 -17.02 -21.81 -13.55
CA GLU C 331 -17.87 -22.02 -12.37
C GLU C 331 -17.93 -20.81 -11.44
N GLN C 332 -16.78 -20.19 -11.21
CA GLN C 332 -16.72 -19.01 -10.34
C GLN C 332 -17.50 -17.87 -10.99
N VAL C 333 -17.28 -17.68 -12.29
CA VAL C 333 -17.95 -16.62 -13.04
C VAL C 333 -19.47 -16.82 -13.01
N ASP C 334 -19.93 -18.05 -13.22
CA ASP C 334 -21.37 -18.31 -13.20
C ASP C 334 -22.00 -18.01 -11.84
N VAL C 335 -21.35 -18.46 -10.77
CA VAL C 335 -21.86 -18.21 -9.43
C VAL C 335 -21.94 -16.71 -9.17
N ASN C 336 -20.91 -15.98 -9.57
CA ASN C 336 -20.90 -14.54 -9.33
C ASN C 336 -21.87 -13.78 -10.24
N TRP C 337 -22.07 -14.26 -11.46
CA TRP C 337 -23.00 -13.61 -12.39
C TRP C 337 -24.43 -13.68 -11.83
N LYS C 338 -24.75 -14.80 -11.20
CA LYS C 338 -26.07 -14.97 -10.61
C LYS C 338 -26.28 -13.94 -9.49
N ILE C 339 -25.24 -13.77 -8.68
CA ILE C 339 -25.30 -12.81 -7.59
C ILE C 339 -25.48 -11.39 -8.12
N VAL C 340 -24.72 -11.04 -9.14
CA VAL C 340 -24.81 -9.71 -9.74
C VAL C 340 -26.16 -9.46 -10.39
N THR C 341 -26.58 -10.38 -11.26
CA THR C 341 -27.88 -10.19 -11.91
C THR C 341 -28.99 -10.13 -10.87
N ASP C 342 -28.87 -10.90 -9.80
CA ASP C 342 -29.89 -10.87 -8.75
C ASP C 342 -29.97 -9.49 -8.10
N VAL C 343 -28.82 -8.88 -7.86
CA VAL C 343 -28.79 -7.53 -7.26
C VAL C 343 -29.52 -6.51 -8.15
N PHE C 344 -29.22 -6.52 -9.43
CA PHE C 344 -29.86 -5.57 -10.34
C PHE C 344 -31.33 -5.85 -10.60
N LYS C 345 -31.71 -7.13 -10.53
CA LYS C 345 -33.10 -7.48 -10.73
C LYS C 345 -33.87 -7.00 -9.51
N LYS C 346 -33.28 -7.16 -8.34
CA LYS C 346 -33.93 -6.71 -7.11
C LYS C 346 -34.01 -5.20 -7.07
N LEU C 347 -33.02 -4.54 -7.67
CA LEU C 347 -33.00 -3.09 -7.71
C LEU C 347 -34.19 -2.57 -8.51
N GLY C 348 -34.56 -3.31 -9.56
CA GLY C 348 -35.69 -2.90 -10.37
C GLY C 348 -35.33 -1.82 -11.38
N LYS C 349 -34.04 -1.59 -11.54
CA LYS C 349 -33.53 -0.59 -12.48
C LYS C 349 -32.29 -1.14 -13.17
N GLY C 350 -32.05 -0.68 -14.39
CA GLY C 350 -30.87 -1.10 -15.11
C GLY C 350 -31.06 -2.20 -16.15
N ARG C 351 -30.64 -1.91 -17.37
CA ARG C 351 -30.70 -2.85 -18.47
C ARG C 351 -29.33 -3.49 -18.55
N ILE C 352 -29.27 -4.81 -18.34
CA ILE C 352 -28.02 -5.53 -18.39
C ILE C 352 -27.69 -5.85 -19.83
N VAL C 353 -26.45 -5.58 -20.23
CA VAL C 353 -25.99 -5.84 -21.59
C VAL C 353 -24.77 -6.75 -21.50
N THR C 354 -24.88 -7.92 -22.15
CA THR C 354 -23.79 -8.91 -22.14
C THR C 354 -22.93 -8.76 -23.36
N GLN C 355 -21.78 -9.42 -23.37
CA GLN C 355 -20.89 -9.35 -24.49
C GLN C 355 -21.53 -9.91 -25.75
N GLU C 356 -22.29 -11.00 -25.62
CA GLU C 356 -22.95 -11.59 -26.77
C GLU C 356 -23.93 -10.61 -27.42
N GLU C 357 -24.54 -9.76 -26.59
N GLU C 357 -24.54 -9.75 -26.61
CA GLU C 357 -25.51 -8.76 -27.05
CA GLU C 357 -25.48 -8.77 -27.14
C GLU C 357 -24.82 -7.52 -27.62
C GLU C 357 -24.77 -7.53 -27.66
N ALA C 358 -23.91 -6.94 -26.84
CA ALA C 358 -23.17 -5.74 -27.27
C ALA C 358 -22.34 -6.07 -28.49
N GLY C 359 -21.83 -7.29 -28.53
CA GLY C 359 -21.03 -7.72 -29.65
C GLY C 359 -19.77 -6.91 -29.87
N ASP C 360 -19.56 -6.52 -31.13
CA ASP C 360 -18.38 -5.77 -31.52
C ASP C 360 -18.64 -4.28 -31.54
N THR C 361 -19.66 -3.82 -30.83
CA THR C 361 -19.97 -2.39 -30.83
C THR C 361 -19.23 -1.58 -29.77
N GLN C 362 -19.13 -0.29 -30.03
CA GLN C 362 -18.47 0.64 -29.12
C GLN C 362 -19.60 1.38 -28.42
N PRO C 363 -19.36 1.84 -27.18
CA PRO C 363 -18.10 1.68 -26.44
C PRO C 363 -17.90 0.39 -25.65
N PHE C 364 -18.81 -0.59 -25.79
CA PHE C 364 -18.65 -1.84 -25.04
C PHE C 364 -17.30 -2.49 -25.33
N LYS C 365 -16.93 -2.54 -26.61
CA LYS C 365 -15.68 -3.16 -27.01
C LYS C 365 -14.42 -2.59 -26.35
N TYR C 366 -14.26 -1.27 -26.38
CA TYR C 366 -13.06 -0.70 -25.77
C TYR C 366 -13.09 -0.87 -24.26
N ARG C 367 -14.28 -0.87 -23.67
CA ARG C 367 -14.40 -1.07 -22.22
C ARG C 367 -13.96 -2.49 -21.84
N ALA C 368 -14.48 -3.46 -22.58
CA ALA C 368 -14.14 -4.86 -22.35
C ALA C 368 -12.63 -5.06 -22.52
N GLN C 369 -12.03 -4.36 -23.47
CA GLN C 369 -10.59 -4.50 -23.68
C GLN C 369 -9.81 -3.90 -22.50
N LEU C 370 -10.16 -2.69 -22.08
CA LEU C 370 -9.46 -2.09 -20.94
C LEU C 370 -9.61 -2.95 -19.69
N MET C 371 -10.79 -3.54 -19.49
CA MET C 371 -11.01 -4.39 -18.32
C MET C 371 -10.27 -5.72 -18.41
N SER C 372 -9.71 -6.03 -19.56
CA SER C 372 -8.96 -7.28 -19.73
C SER C 372 -7.51 -7.02 -20.12
N GLY C 373 -7.08 -5.76 -20.02
CA GLY C 373 -5.71 -5.42 -20.34
C GLY C 373 -5.32 -5.42 -21.82
N VAL C 374 -6.28 -5.14 -22.70
CA VAL C 374 -6.02 -5.08 -24.13
C VAL C 374 -6.00 -3.60 -24.47
N PRO C 375 -4.87 -3.10 -24.98
CA PRO C 375 -4.79 -1.68 -25.32
C PRO C 375 -5.64 -1.16 -26.49
N ASN C 376 -6.01 0.11 -26.37
CA ASN C 376 -6.79 0.80 -27.38
C ASN C 376 -6.85 2.26 -26.94
N LEU C 377 -7.06 3.17 -27.88
CA LEU C 377 -7.14 4.59 -27.52
C LEU C 377 -8.52 5.17 -27.86
N GLN C 378 -9.52 4.29 -27.82
CA GLN C 378 -10.89 4.68 -28.15
C GLN C 378 -11.38 5.89 -27.35
N GLU C 379 -11.06 5.92 -26.06
CA GLU C 379 -11.53 7.01 -25.21
C GLU C 379 -11.02 8.42 -25.57
N PHE C 380 -10.01 8.51 -26.43
CA PHE C 380 -9.53 9.82 -26.81
C PHE C 380 -10.61 10.56 -27.61
N GLY C 381 -11.72 9.86 -27.85
CA GLY C 381 -12.85 10.49 -28.53
C GLY C 381 -13.37 11.62 -27.65
N LEU C 382 -13.07 11.58 -26.36
CA LEU C 382 -13.49 12.64 -25.45
C LEU C 382 -12.95 14.00 -25.91
N TYR C 383 -11.75 14.00 -26.50
CA TYR C 383 -11.14 15.25 -26.94
C TYR C 383 -11.78 15.79 -28.21
N ASN C 384 -12.71 15.03 -28.79
CA ASN C 384 -13.39 15.48 -29.99
C ASN C 384 -14.79 16.01 -29.64
N TRP C 385 -15.22 15.85 -28.39
CA TRP C 385 -16.53 16.33 -27.98
C TRP C 385 -16.67 17.81 -28.33
N ARG C 386 -15.67 18.61 -27.95
CA ARG C 386 -15.64 20.03 -28.25
C ARG C 386 -14.40 20.37 -29.08
N GLY C 387 -13.41 19.48 -29.02
CA GLY C 387 -12.16 19.67 -29.77
C GLY C 387 -11.34 20.85 -29.31
N GLY C 388 -10.38 21.27 -30.13
CA GLY C 388 -9.56 22.43 -29.82
C GLY C 388 -8.38 22.21 -28.88
N GLY C 389 -8.23 20.99 -28.37
CA GLY C 389 -7.11 20.67 -27.50
C GLY C 389 -7.22 21.07 -26.06
N GLY C 390 -8.42 21.41 -25.57
CA GLY C 390 -8.56 21.81 -24.18
C GLY C 390 -9.12 20.69 -23.30
N SER C 391 -8.35 20.30 -22.28
CA SER C 391 -8.79 19.24 -21.39
C SER C 391 -8.01 19.22 -20.08
N MET C 392 -8.75 19.28 -18.97
CA MET C 392 -8.15 19.20 -17.63
C MET C 392 -8.97 18.22 -16.80
N TRP C 393 -8.28 17.35 -16.09
CA TRP C 393 -8.96 16.39 -15.24
C TRP C 393 -9.25 16.99 -13.86
N PHE C 394 -10.52 17.02 -13.47
CA PHE C 394 -10.89 17.50 -12.15
C PHE C 394 -11.36 16.19 -11.52
N ALA C 395 -10.55 15.68 -10.59
CA ALA C 395 -10.87 14.38 -10.03
C ALA C 395 -10.97 14.30 -8.52
N PRO C 396 -12.10 14.76 -7.97
CA PRO C 396 -12.34 14.74 -6.53
C PRO C 396 -12.53 13.31 -6.05
N VAL C 397 -12.13 13.06 -4.81
CA VAL C 397 -12.25 11.75 -4.19
C VAL C 397 -13.60 11.75 -3.47
N SER C 398 -14.26 10.61 -3.44
CA SER C 398 -15.53 10.53 -2.74
C SER C 398 -15.77 9.19 -2.08
N GLU C 399 -16.62 9.17 -1.07
CA GLU C 399 -17.01 7.92 -0.45
C GLU C 399 -17.81 7.22 -1.55
N ALA C 400 -17.76 5.89 -1.60
CA ALA C 400 -18.55 5.15 -2.58
C ALA C 400 -19.94 5.03 -1.95
N ARG C 401 -20.60 6.17 -1.79
N ARG C 401 -20.60 6.17 -1.79
CA ARG C 401 -21.93 6.24 -1.19
CA ARG C 401 -21.92 6.24 -1.21
C ARG C 401 -22.82 7.03 -2.15
C ARG C 401 -22.81 7.02 -2.17
N GLY C 402 -23.96 6.45 -2.52
CA GLY C 402 -24.88 7.10 -3.43
C GLY C 402 -25.17 8.58 -3.25
N SER C 403 -25.49 9.00 -2.03
CA SER C 403 -25.78 10.39 -1.77
C SER C 403 -24.57 11.31 -2.04
N GLU C 404 -23.38 10.84 -1.68
CA GLU C 404 -22.16 11.63 -1.89
C GLU C 404 -21.92 11.83 -3.36
N CYS C 405 -21.99 10.74 -4.11
CA CYS C 405 -21.77 10.80 -5.54
C CYS C 405 -22.79 11.71 -6.23
N LYS C 406 -24.03 11.68 -5.78
CA LYS C 406 -25.07 12.54 -6.37
C LYS C 406 -24.80 14.01 -6.06
N LYS C 407 -24.38 14.28 -4.82
CA LYS C 407 -24.07 15.65 -4.38
C LYS C 407 -22.93 16.25 -5.21
N GLN C 408 -21.86 15.47 -5.42
CA GLN C 408 -20.71 15.95 -6.18
C GLN C 408 -21.08 16.21 -7.64
N ALA C 409 -21.88 15.32 -8.22
CA ALA C 409 -22.30 15.47 -9.61
C ALA C 409 -23.06 16.76 -9.82
N ALA C 410 -23.97 17.06 -8.89
CA ALA C 410 -24.78 18.28 -8.98
C ALA C 410 -23.94 19.53 -8.82
N MET C 411 -22.98 19.49 -7.91
N MET C 411 -22.97 19.50 -7.92
CA MET C 411 -22.09 20.62 -7.67
CA MET C 411 -22.13 20.68 -7.71
C MET C 411 -21.27 20.93 -8.92
C MET C 411 -21.26 20.93 -8.94
N ALA C 412 -20.61 19.89 -9.44
CA ALA C 412 -19.77 20.04 -10.62
C ALA C 412 -20.57 20.54 -11.82
N LYS C 413 -21.73 19.93 -12.04
CA LYS C 413 -22.59 20.30 -13.15
C LYS C 413 -22.95 21.79 -13.13
N ARG C 414 -23.28 22.29 -11.94
N ARG C 414 -23.31 22.34 -11.97
CA ARG C 414 -23.65 23.69 -11.74
CA ARG C 414 -23.65 23.76 -11.95
C ARG C 414 -22.50 24.64 -12.10
C ARG C 414 -22.43 24.63 -12.25
N VAL C 415 -21.30 24.35 -11.62
CA VAL C 415 -20.11 25.15 -11.87
C VAL C 415 -19.68 25.07 -13.35
N LEU C 416 -19.78 23.87 -13.92
CA LEU C 416 -19.40 23.72 -15.31
C LEU C 416 -20.34 24.55 -16.18
N HIS C 417 -21.64 24.49 -15.90
CA HIS C 417 -22.61 25.25 -16.68
C HIS C 417 -22.41 26.76 -16.54
N LYS C 418 -22.03 27.20 -15.34
CA LYS C 418 -21.78 28.62 -15.10
C LYS C 418 -20.76 29.13 -16.11
N TYR C 419 -19.84 28.26 -16.50
CA TYR C 419 -18.80 28.65 -17.45
C TYR C 419 -19.04 28.18 -18.88
N GLY C 420 -20.25 27.72 -19.17
CA GLY C 420 -20.59 27.28 -20.50
C GLY C 420 -20.02 25.93 -20.91
N LEU C 421 -19.59 25.13 -19.94
CA LEU C 421 -19.01 23.82 -20.22
C LEU C 421 -19.90 22.68 -19.75
N ASP C 422 -19.57 21.46 -20.18
CA ASP C 422 -20.37 20.28 -19.85
C ASP C 422 -19.87 19.40 -18.73
N TYR C 423 -20.81 18.69 -18.13
CA TYR C 423 -20.49 17.72 -17.11
C TYR C 423 -20.23 16.44 -17.92
N VAL C 424 -18.95 16.10 -18.03
CA VAL C 424 -18.54 14.90 -18.75
C VAL C 424 -17.79 14.14 -17.66
N ALA C 425 -18.38 13.05 -17.16
CA ALA C 425 -17.74 12.35 -16.06
C ALA C 425 -18.05 10.88 -15.91
N GLU C 426 -17.31 10.26 -14.99
CA GLU C 426 -17.48 8.87 -14.64
C GLU C 426 -16.93 8.63 -13.23
N PHE C 427 -17.50 7.67 -12.53
CA PHE C 427 -17.02 7.30 -11.20
C PHE C 427 -16.21 6.01 -11.34
N ILE C 428 -14.93 6.03 -10.93
CA ILE C 428 -14.07 4.84 -10.99
C ILE C 428 -14.22 4.28 -9.58
N VAL C 429 -14.86 3.12 -9.51
CA VAL C 429 -15.22 2.50 -8.25
C VAL C 429 -14.34 1.45 -7.56
N ALA C 430 -13.91 1.81 -6.36
CA ALA C 430 -13.12 0.92 -5.52
C ALA C 430 -14.14 0.45 -4.48
N PRO C 431 -13.72 -0.44 -3.57
CA PRO C 431 -14.70 -0.88 -2.58
C PRO C 431 -15.28 0.24 -1.71
N ARG C 432 -14.45 1.17 -1.27
CA ARG C 432 -14.92 2.24 -0.41
C ARG C 432 -14.83 3.64 -0.99
N ASP C 433 -13.95 3.83 -1.98
CA ASP C 433 -13.78 5.13 -2.58
C ASP C 433 -14.17 5.22 -4.04
N MET C 434 -14.32 6.47 -4.50
CA MET C 434 -14.63 6.80 -5.88
C MET C 434 -13.61 7.80 -6.39
N HIS C 435 -13.03 7.56 -7.57
CA HIS C 435 -12.17 8.58 -8.16
C HIS C 435 -13.30 9.16 -9.03
N HIS C 436 -13.84 10.32 -8.65
CA HIS C 436 -14.92 10.97 -9.44
C HIS C 436 -14.21 11.79 -10.52
N VAL C 437 -14.03 11.18 -11.68
CA VAL C 437 -13.29 11.80 -12.77
C VAL C 437 -14.14 12.66 -13.70
N ILE C 438 -13.82 13.95 -13.72
CA ILE C 438 -14.55 14.89 -14.56
C ILE C 438 -13.61 15.49 -15.59
N ASP C 439 -13.94 15.30 -16.86
CA ASP C 439 -13.12 15.88 -17.92
C ASP C 439 -13.63 17.27 -18.26
N VAL C 440 -12.88 18.29 -17.86
CA VAL C 440 -13.25 19.67 -18.15
C VAL C 440 -12.74 19.92 -19.58
N LEU C 441 -13.67 19.85 -20.53
CA LEU C 441 -13.34 20.00 -21.95
C LEU C 441 -13.74 21.36 -22.51
N TYR C 442 -12.84 21.94 -23.29
CA TYR C 442 -13.07 23.25 -23.86
C TYR C 442 -12.20 23.44 -25.09
N ASP C 443 -12.57 24.40 -25.94
CA ASP C 443 -11.81 24.69 -27.16
C ASP C 443 -10.67 25.63 -26.80
N ARG C 444 -9.48 25.05 -26.66
CA ARG C 444 -8.30 25.84 -26.28
C ARG C 444 -7.84 26.81 -27.36
N THR C 445 -8.41 26.73 -28.56
CA THR C 445 -8.02 27.69 -29.61
C THR C 445 -8.88 28.94 -29.51
N ASN C 446 -9.86 28.92 -28.60
CA ASN C 446 -10.77 30.04 -28.36
C ASN C 446 -10.32 30.73 -27.06
N PRO C 447 -9.71 31.91 -27.19
CA PRO C 447 -9.22 32.67 -26.02
C PRO C 447 -10.25 32.88 -24.92
N GLU C 448 -11.45 33.30 -25.32
CA GLU C 448 -12.52 33.57 -24.36
C GLU C 448 -12.95 32.29 -23.62
N GLU C 449 -13.12 31.20 -24.36
CA GLU C 449 -13.51 29.94 -23.73
C GLU C 449 -12.37 29.40 -22.84
N THR C 450 -11.13 29.62 -23.27
CA THR C 450 -9.97 29.19 -22.50
C THR C 450 -9.97 29.90 -21.15
N LYS C 451 -10.24 31.20 -21.14
CA LYS C 451 -10.27 31.93 -19.88
C LYS C 451 -11.39 31.41 -19.00
N ARG C 452 -12.51 31.04 -19.61
CA ARG C 452 -13.63 30.49 -18.85
C ARG C 452 -13.26 29.14 -18.24
N ALA C 453 -12.53 28.30 -18.97
CA ALA C 453 -12.13 27.00 -18.45
C ALA C 453 -11.16 27.14 -17.27
N ASP C 454 -10.28 28.14 -17.36
CA ASP C 454 -9.32 28.38 -16.29
C ASP C 454 -10.07 28.82 -15.04
N ALA C 455 -11.04 29.72 -15.21
CA ALA C 455 -11.81 30.19 -14.06
C ALA C 455 -12.69 29.07 -13.52
N CYS C 456 -13.24 28.27 -14.43
CA CYS C 456 -14.09 27.15 -14.05
C CYS C 456 -13.33 26.15 -13.15
N PHE C 457 -12.11 25.79 -13.57
CA PHE C 457 -11.33 24.84 -12.79
C PHE C 457 -11.07 25.37 -11.39
N ASN C 458 -10.75 26.67 -11.31
CA ASN C 458 -10.52 27.34 -10.03
C ASN C 458 -11.76 27.26 -9.17
N GLU C 459 -12.91 27.52 -9.77
CA GLU C 459 -14.16 27.47 -9.02
C GLU C 459 -14.55 26.07 -8.59
N LEU C 460 -14.24 25.07 -9.43
CA LEU C 460 -14.55 23.69 -9.06
C LEU C 460 -13.74 23.33 -7.82
N LEU C 461 -12.45 23.71 -7.82
CA LEU C 461 -11.61 23.42 -6.66
C LEU C 461 -12.13 24.14 -5.41
N ASP C 462 -12.50 25.41 -5.57
CA ASP C 462 -12.99 26.19 -4.43
C ASP C 462 -14.28 25.62 -3.87
N GLU C 463 -15.24 25.39 -4.76
CA GLU C 463 -16.54 24.88 -4.32
C GLU C 463 -16.46 23.51 -3.69
N PHE C 464 -15.65 22.63 -4.27
CA PHE C 464 -15.52 21.30 -3.71
C PHE C 464 -14.81 21.35 -2.35
N GLU C 465 -13.78 22.18 -2.25
N GLU C 465 -13.77 22.17 -2.24
CA GLU C 465 -13.04 22.30 -1.00
CA GLU C 465 -13.07 22.28 -0.96
C GLU C 465 -13.93 22.80 0.14
C GLU C 465 -14.02 22.70 0.14
N LYS C 466 -14.89 23.66 -0.19
CA LYS C 466 -15.84 24.18 0.79
C LYS C 466 -16.70 23.07 1.38
N GLU C 467 -16.86 21.98 0.63
CA GLU C 467 -17.65 20.85 1.11
C GLU C 467 -16.75 19.72 1.60
N GLY C 468 -15.48 20.03 1.84
CA GLY C 468 -14.54 19.03 2.33
C GLY C 468 -14.02 18.04 1.31
N TYR C 469 -14.07 18.41 0.03
CA TYR C 469 -13.59 17.51 -1.01
C TYR C 469 -12.32 18.06 -1.68
N ALA C 470 -11.34 17.18 -1.93
CA ALA C 470 -10.10 17.56 -2.59
C ALA C 470 -9.80 16.54 -3.69
N VAL C 471 -9.02 16.93 -4.70
CA VAL C 471 -8.68 16.03 -5.80
C VAL C 471 -7.44 15.21 -5.46
N TYR C 472 -7.31 14.05 -6.09
CA TYR C 472 -6.21 13.11 -5.82
C TYR C 472 -4.99 13.33 -6.70
N ARG C 473 -5.15 14.20 -7.70
CA ARG C 473 -4.11 14.40 -8.68
C ARG C 473 -4.56 15.60 -9.50
N VAL C 474 -3.63 16.40 -10.02
CA VAL C 474 -4.04 17.57 -10.78
C VAL C 474 -2.96 18.05 -11.74
N ASN C 475 -3.35 18.81 -12.76
CA ASN C 475 -2.38 19.33 -13.74
C ASN C 475 -1.40 20.32 -13.11
N THR C 476 -0.26 20.49 -13.78
CA THR C 476 0.81 21.34 -13.31
C THR C 476 0.46 22.80 -13.03
N ARG C 477 -0.53 23.34 -13.72
CA ARG C 477 -0.93 24.73 -13.48
C ARG C 477 -1.60 24.89 -12.10
N PHE C 478 -2.08 23.79 -11.53
CA PHE C 478 -2.78 23.86 -10.24
C PHE C 478 -2.20 23.03 -9.11
N GLN C 479 -0.97 22.54 -9.27
CA GLN C 479 -0.42 21.70 -8.22
C GLN C 479 -0.13 22.42 -6.92
N ASP C 480 0.17 23.70 -7.00
CA ASP C 480 0.41 24.45 -5.78
C ASP C 480 -0.96 24.74 -5.12
N ARG C 481 -1.94 25.12 -5.93
CA ARG C 481 -3.28 25.39 -5.43
C ARG C 481 -3.86 24.16 -4.71
N VAL C 482 -3.74 22.99 -5.32
CA VAL C 482 -4.27 21.79 -4.68
C VAL C 482 -3.51 21.43 -3.40
N ALA C 483 -2.19 21.67 -3.37
CA ALA C 483 -1.42 21.38 -2.15
C ALA C 483 -2.04 22.14 -0.97
N GLN C 484 -2.53 23.35 -1.24
CA GLN C 484 -3.16 24.19 -0.21
C GLN C 484 -4.39 23.51 0.40
N SER C 485 -5.08 22.68 -0.38
CA SER C 485 -6.27 21.97 0.09
C SER C 485 -6.00 21.06 1.29
N TYR C 486 -4.78 20.54 1.38
CA TYR C 486 -4.43 19.59 2.43
C TYR C 486 -3.78 20.15 3.69
N GLY C 487 -3.72 21.47 3.80
CA GLY C 487 -3.19 22.08 5.01
C GLY C 487 -1.71 22.40 5.14
N PRO C 488 -1.40 23.38 6.00
CA PRO C 488 -0.03 23.83 6.24
C PRO C 488 0.91 22.85 6.94
N VAL C 489 0.39 22.05 7.89
CA VAL C 489 1.25 21.11 8.58
C VAL C 489 1.85 20.14 7.58
N LYS C 490 1.00 19.61 6.70
CA LYS C 490 1.45 18.67 5.67
C LYS C 490 2.52 19.33 4.79
N ARG C 491 2.26 20.54 4.32
CA ARG C 491 3.21 21.21 3.45
C ARG C 491 4.52 21.48 4.15
N LYS C 492 4.47 21.86 5.42
CA LYS C 492 5.68 22.13 6.19
C LYS C 492 6.52 20.86 6.29
N LEU C 493 5.88 19.73 6.61
CA LEU C 493 6.60 18.47 6.69
C LEU C 493 7.21 18.11 5.33
N GLU C 494 6.45 18.34 4.26
CA GLU C 494 6.93 18.02 2.91
C GLU C 494 8.13 18.87 2.53
N HIS C 495 8.17 20.11 3.00
CA HIS C 495 9.30 20.97 2.70
C HIS C 495 10.53 20.63 3.56
N ALA C 496 10.30 20.11 4.76
CA ALA C 496 11.40 19.69 5.63
C ALA C 496 12.08 18.49 4.98
N ILE C 497 11.27 17.56 4.46
CA ILE C 497 11.84 16.39 3.79
C ILE C 497 12.58 16.87 2.53
N LYS C 498 11.98 17.81 1.80
CA LYS C 498 12.59 18.36 0.57
C LYS C 498 13.99 18.92 0.88
N ARG C 499 14.06 19.75 1.91
CA ARG C 499 15.31 20.35 2.33
C ARG C 499 16.35 19.28 2.64
N ALA C 500 15.91 18.21 3.29
CA ALA C 500 16.80 17.11 3.65
C ALA C 500 17.31 16.25 2.49
N VAL C 501 16.47 15.97 1.50
CA VAL C 501 16.91 15.13 0.39
C VAL C 501 17.30 15.85 -0.89
N ASP C 502 17.03 17.15 -0.95
CA ASP C 502 17.35 17.95 -2.14
C ASP C 502 17.63 19.40 -1.69
N PRO C 503 18.70 19.60 -0.92
CA PRO C 503 19.03 20.95 -0.43
C PRO C 503 19.13 22.03 -1.51
N ASN C 504 19.54 21.66 -2.72
CA ASN C 504 19.63 22.66 -3.77
C ASN C 504 18.35 22.87 -4.57
N ASN C 505 17.28 22.17 -4.22
CA ASN C 505 15.98 22.36 -4.88
C ASN C 505 16.05 22.11 -6.39
N ILE C 506 16.85 21.13 -6.81
CA ILE C 506 16.99 20.82 -8.23
C ILE C 506 15.98 19.85 -8.80
N LEU C 507 15.32 19.07 -7.94
CA LEU C 507 14.34 18.12 -8.46
C LEU C 507 12.93 18.67 -8.59
N ALA C 508 12.54 18.94 -9.83
CA ALA C 508 11.21 19.42 -10.16
C ALA C 508 10.56 20.33 -9.12
N PRO C 509 11.19 21.45 -8.77
CA PRO C 509 10.56 22.31 -7.77
C PRO C 509 9.18 22.74 -8.28
N GLY C 510 8.18 22.66 -7.41
CA GLY C 510 6.82 23.03 -7.79
C GLY C 510 5.92 21.80 -7.89
N ARG C 511 6.52 20.63 -8.05
CA ARG C 511 5.80 19.36 -8.12
C ARG C 511 4.99 19.23 -6.82
N SER C 512 3.67 19.06 -6.95
CA SER C 512 2.79 18.93 -5.78
C SER C 512 2.93 20.09 -4.81
N GLY C 513 3.36 21.24 -5.32
CA GLY C 513 3.52 22.39 -4.46
C GLY C 513 4.71 22.31 -3.51
N ILE C 514 5.69 21.46 -3.83
CA ILE C 514 6.89 21.33 -2.98
C ILE C 514 8.01 22.06 -3.71
N ASP C 515 8.45 23.15 -3.11
CA ASP C 515 9.45 24.02 -3.73
C ASP C 515 10.14 24.79 -2.59
N LEU C 516 11.46 24.61 -2.46
CA LEU C 516 12.18 25.28 -1.39
C LEU C 516 12.10 26.81 -1.43
N ASN C 517 11.61 27.36 -2.54
CA ASN C 517 11.43 28.80 -2.61
C ASN C 517 10.19 29.19 -1.82
N ASN C 518 9.38 28.21 -1.43
CA ASN C 518 8.17 28.49 -0.65
C ASN C 518 8.54 28.83 0.79
N ASP C 519 7.65 29.53 1.48
CA ASP C 519 7.87 29.88 2.88
C ASP C 519 7.25 28.78 3.73
N PHE C 520 7.86 27.59 3.69
CA PHE C 520 7.39 26.45 4.47
C PHE C 520 8.57 25.78 5.16
N SER D 2 16.43 0.21 -36.33
CA SER D 2 15.46 1.33 -36.44
C SER D 2 14.64 1.43 -35.16
N GLN D 3 14.16 2.63 -34.84
CA GLN D 3 13.39 2.82 -33.62
C GLN D 3 12.08 2.02 -33.64
N TRP D 4 11.44 1.97 -34.80
CA TRP D 4 10.18 1.23 -34.92
C TRP D 4 10.24 0.13 -35.97
N GLY D 5 11.42 -0.06 -36.57
CA GLY D 5 11.58 -1.10 -37.57
C GLY D 5 11.03 -0.75 -38.94
N SER D 6 9.76 -0.34 -38.98
CA SER D 6 9.11 0.03 -40.24
C SER D 6 7.99 1.04 -40.00
N GLY D 7 7.55 1.68 -41.08
CA GLY D 7 6.47 2.65 -40.97
C GLY D 7 5.19 1.92 -40.60
N LYS D 8 5.02 0.70 -41.11
CA LYS D 8 3.80 -0.05 -40.78
C LYS D 8 3.75 -0.41 -39.29
N ASN D 9 4.90 -0.73 -38.73
CA ASN D 9 4.91 -1.07 -37.31
C ASN D 9 4.62 0.17 -36.44
N LEU D 10 5.19 1.32 -36.79
CA LEU D 10 4.91 2.55 -36.04
C LEU D 10 3.42 2.83 -36.13
N TYR D 11 2.85 2.66 -37.32
CA TYR D 11 1.42 2.88 -37.50
C TYR D 11 0.57 1.95 -36.65
N ASP D 12 0.92 0.66 -36.64
CA ASP D 12 0.18 -0.32 -35.86
C ASP D 12 0.29 -0.12 -34.35
N LYS D 13 1.49 0.22 -33.89
CA LYS D 13 1.72 0.38 -32.45
C LYS D 13 1.38 1.75 -31.86
N VAL D 14 1.33 2.78 -32.70
CA VAL D 14 1.03 4.11 -32.19
C VAL D 14 -0.10 4.80 -32.94
N CYS D 15 0.23 5.39 -34.08
CA CYS D 15 -0.74 6.15 -34.87
C CYS D 15 -2.09 5.49 -35.14
N GLY D 16 -2.06 4.22 -35.53
CA GLY D 16 -3.27 3.49 -35.86
C GLY D 16 -4.29 3.33 -34.75
N HIS D 17 -3.84 3.38 -33.50
CA HIS D 17 -4.74 3.24 -32.36
C HIS D 17 -5.75 4.38 -32.36
N CYS D 18 -5.46 5.43 -33.10
CA CYS D 18 -6.37 6.58 -33.21
C CYS D 18 -6.83 6.81 -34.64
N HIS D 19 -5.92 6.60 -35.58
CA HIS D 19 -6.17 6.87 -36.98
C HIS D 19 -6.75 5.75 -37.88
N LYS D 20 -6.66 4.49 -37.47
CA LYS D 20 -7.23 3.45 -38.36
C LYS D 20 -8.71 3.75 -38.59
N PRO D 21 -9.21 3.47 -39.80
CA PRO D 21 -10.61 3.71 -40.16
C PRO D 21 -11.63 3.24 -39.12
N GLU D 22 -11.45 2.02 -38.63
CA GLU D 22 -12.37 1.46 -37.66
C GLU D 22 -12.35 2.13 -36.28
N VAL D 23 -11.29 2.88 -35.96
CA VAL D 23 -11.22 3.57 -34.67
C VAL D 23 -11.89 4.93 -34.80
N GLY D 24 -11.38 5.77 -35.69
CA GLY D 24 -12.00 7.07 -35.91
C GLY D 24 -11.74 8.17 -34.91
N VAL D 25 -10.67 8.06 -34.11
CA VAL D 25 -10.37 9.14 -33.16
C VAL D 25 -9.79 10.30 -33.96
N GLY D 26 -8.93 9.95 -34.90
CA GLY D 26 -8.29 10.94 -35.75
C GLY D 26 -8.69 10.67 -37.20
N PRO D 27 -8.46 11.63 -38.10
CA PRO D 27 -8.84 11.40 -39.49
C PRO D 27 -8.06 10.29 -40.21
N VAL D 28 -8.66 9.73 -41.25
CA VAL D 28 -7.98 8.68 -42.02
C VAL D 28 -6.75 9.29 -42.68
N LEU D 29 -5.62 8.58 -42.59
CA LEU D 29 -4.37 9.04 -43.17
C LEU D 29 -3.95 8.13 -44.32
N GLU D 30 -4.52 6.93 -44.37
CA GLU D 30 -4.17 5.93 -45.38
C GLU D 30 -4.54 6.36 -46.80
N GLY D 31 -3.54 6.29 -47.69
CA GLY D 31 -3.76 6.65 -49.08
C GLY D 31 -4.23 8.08 -49.29
N ARG D 32 -3.79 8.98 -48.41
CA ARG D 32 -4.18 10.38 -48.49
C ARG D 32 -3.10 11.27 -49.11
N GLY D 33 -2.01 10.67 -49.55
CA GLY D 33 -0.94 11.42 -50.17
C GLY D 33 -0.36 12.51 -49.29
N LEU D 34 -0.41 12.32 -47.98
CA LEU D 34 0.10 13.33 -47.05
C LEU D 34 1.61 13.43 -47.16
N PRO D 35 2.13 14.65 -47.39
CA PRO D 35 3.58 14.82 -47.51
C PRO D 35 4.30 14.51 -46.20
N GLU D 36 5.54 14.05 -46.30
CA GLU D 36 6.35 13.73 -45.13
C GLU D 36 6.52 14.97 -44.24
N ALA D 37 6.77 16.12 -44.85
CA ALA D 37 6.93 17.36 -44.09
C ALA D 37 5.71 17.68 -43.22
N TYR D 38 4.53 17.38 -43.72
CA TYR D 38 3.29 17.66 -42.99
C TYR D 38 3.16 16.70 -41.82
N ILE D 39 3.45 15.43 -42.06
CA ILE D 39 3.37 14.43 -41.01
C ILE D 39 4.34 14.76 -39.88
N LYS D 40 5.58 15.15 -40.21
CA LYS D 40 6.56 15.50 -39.18
C LYS D 40 6.09 16.73 -38.42
N ASP D 41 5.55 17.68 -39.15
CA ASP D 41 5.06 18.88 -38.51
C ASP D 41 3.93 18.62 -37.49
N ILE D 42 2.94 17.82 -37.90
CA ILE D 42 1.83 17.50 -37.03
C ILE D 42 2.31 16.70 -35.81
N VAL D 43 3.17 15.71 -36.04
CA VAL D 43 3.67 14.90 -34.95
C VAL D 43 4.52 15.68 -33.94
N ARG D 44 5.41 16.53 -34.43
CA ARG D 44 6.27 17.30 -33.55
C ARG D 44 5.58 18.41 -32.77
N ASN D 45 4.63 19.06 -33.41
CA ASN D 45 3.91 20.16 -32.78
C ASN D 45 2.66 19.71 -32.07
N GLY D 46 2.10 18.61 -32.53
CA GLY D 46 0.84 18.11 -32.00
C GLY D 46 -0.18 18.95 -32.73
N PHE D 47 -1.47 18.62 -32.65
CA PHE D 47 -2.47 19.45 -33.34
C PHE D 47 -3.83 19.37 -32.66
N ARG D 48 -4.12 20.40 -31.86
CA ARG D 48 -5.38 20.47 -31.12
C ARG D 48 -5.58 19.19 -30.32
N ALA D 49 -6.60 18.39 -30.65
CA ALA D 49 -6.85 17.15 -29.89
C ALA D 49 -5.70 16.14 -30.00
N MET D 50 -4.91 16.22 -31.06
CA MET D 50 -3.81 15.28 -31.20
C MET D 50 -2.58 15.67 -30.42
N PRO D 51 -2.02 14.73 -29.64
CA PRO D 51 -0.81 15.00 -28.85
C PRO D 51 0.43 15.11 -29.73
N ALA D 52 1.51 15.64 -29.15
CA ALA D 52 2.76 15.76 -29.88
C ALA D 52 3.65 14.62 -29.35
N PHE D 53 4.59 14.20 -30.16
CA PHE D 53 5.51 13.14 -29.76
C PHE D 53 6.96 13.62 -29.94
N PRO D 54 7.76 13.59 -28.85
CA PRO D 54 9.16 14.02 -28.97
C PRO D 54 9.91 12.98 -29.85
N ALA D 55 11.07 13.38 -30.37
CA ALA D 55 11.89 12.48 -31.19
C ALA D 55 12.32 11.24 -30.39
N SER D 56 12.38 11.37 -29.07
CA SER D 56 12.78 10.24 -28.22
C SER D 56 11.72 9.14 -28.29
N TYR D 57 10.49 9.53 -28.60
CA TYR D 57 9.38 8.58 -28.71
C TYR D 57 9.25 8.10 -30.17
N VAL D 58 9.27 9.05 -31.09
CA VAL D 58 9.15 8.76 -32.52
C VAL D 58 10.17 9.62 -33.29
N ASP D 59 11.29 9.02 -33.70
CA ASP D 59 12.30 9.80 -34.39
C ASP D 59 11.96 10.15 -35.84
N ASP D 60 12.79 11.01 -36.43
CA ASP D 60 12.59 11.47 -37.79
C ASP D 60 12.54 10.33 -38.82
N GLU D 61 13.46 9.38 -38.72
CA GLU D 61 13.47 8.27 -39.66
C GLU D 61 12.14 7.50 -39.66
N SER D 62 11.57 7.28 -38.47
CA SER D 62 10.31 6.56 -38.39
C SER D 62 9.18 7.38 -39.04
N LEU D 63 9.26 8.70 -38.92
CA LEU D 63 8.25 9.57 -39.52
C LEU D 63 8.34 9.46 -41.05
N THR D 64 9.57 9.41 -41.56
CA THR D 64 9.78 9.28 -43.00
C THR D 64 9.11 7.97 -43.44
N GLN D 65 9.37 6.91 -42.67
CA GLN D 65 8.82 5.60 -42.96
C GLN D 65 7.29 5.55 -42.90
N VAL D 66 6.71 6.10 -41.85
CA VAL D 66 5.26 6.04 -41.74
C VAL D 66 4.60 6.89 -42.85
N ALA D 67 5.23 7.99 -43.22
CA ALA D 67 4.70 8.86 -44.27
C ALA D 67 4.66 8.07 -45.59
N GLU D 68 5.74 7.36 -45.91
CA GLU D 68 5.79 6.57 -47.13
C GLU D 68 4.82 5.39 -47.08
N TYR D 69 4.74 4.75 -45.93
CA TYR D 69 3.84 3.62 -45.78
C TYR D 69 2.39 4.05 -46.01
N LEU D 70 1.98 5.10 -45.31
CA LEU D 70 0.61 5.61 -45.44
C LEU D 70 0.28 6.03 -46.88
N SER D 71 1.22 6.69 -47.55
CA SER D 71 1.01 7.12 -48.94
C SER D 71 0.86 5.96 -49.90
N SER D 72 1.48 4.83 -49.58
CA SER D 72 1.45 3.66 -50.43
C SER D 72 0.15 2.88 -50.33
N LEU D 73 -0.61 3.12 -49.27
CA LEU D 73 -1.87 2.42 -49.06
C LEU D 73 -2.99 2.99 -49.91
N PRO D 74 -4.00 2.17 -50.22
CA PRO D 74 -5.12 2.66 -51.02
C PRO D 74 -6.04 3.44 -50.07
N ALA D 75 -6.71 4.47 -50.57
CA ALA D 75 -7.60 5.25 -49.73
C ALA D 75 -8.83 4.45 -49.34
N PRO D 76 -9.09 4.31 -48.04
CA PRO D 76 -10.24 3.57 -47.50
C PRO D 76 -11.58 4.08 -48.03
#